data_4WLN
#
_entry.id   4WLN
#
_cell.length_a   59.919
_cell.length_b   151.271
_cell.length_c   155.114
_cell.angle_alpha   90.00
_cell.angle_beta   90.00
_cell.angle_gamma   90.00
#
_symmetry.space_group_name_H-M   'P 21 21 21'
#
loop_
_entity.id
_entity.type
_entity.pdbx_description
1 polymer 'Malate dehydrogenase, mitochondrial'
2 non-polymer 'PHOSPHATE ION'
3 water water
#
_entity_poly.entity_id   1
_entity_poly.type   'polypeptide(L)'
_entity_poly.pdbx_seq_one_letter_code
;MGSSHHHHHHSSGLVPRGSHMSAQNNAKVAVLGASGGIGQPLSLLLKNSPLVSRLTLYDIAHTPGVAADLSHIETKAAVK
GYLGPEQLPDCLKGCDVVVIPAGVPRKPGMTRDDLFNTNATIVATLTAACAQHCPEAMICVIANPVNSTIPITAEVFKKH
GVYNPNKIFGVTTLDIVRANTFVAELKGLDPARVNVPVIGGHAGKTIIPLISQCTPKVDFPQDQLTALTGRIQEAGTEVV
KAKAGAGSATLSMAYAGARFVFSLVDAMNGKEGVVECSFVKSQETECTYFSTPLLLGKKGIEKNLGIGKVSSFEEKMISD
AIPELKASIKKGEDFVKTLK
;
_entity_poly.pdbx_strand_id   A,B,C,D
#
loop_
_chem_comp.id
_chem_comp.type
_chem_comp.name
_chem_comp.formula
PO4 non-polymer 'PHOSPHATE ION' 'O4 P -3'
#
# COMPACT_ATOMS: atom_id res chain seq x y z
N ASN A 26 19.10 -0.10 30.89
CA ASN A 26 20.10 0.98 30.59
C ASN A 26 20.72 0.94 29.17
N ALA A 27 20.24 0.05 28.31
CA ALA A 27 20.80 -0.10 26.96
C ALA A 27 20.23 0.93 25.99
N LYS A 28 21.09 1.45 25.10
CA LYS A 28 20.66 2.35 24.04
C LYS A 28 20.64 1.60 22.71
N VAL A 29 19.44 1.48 22.11
CA VAL A 29 19.28 0.68 20.91
C VAL A 29 18.81 1.53 19.74
N ALA A 30 19.46 1.35 18.59
CA ALA A 30 19.09 2.00 17.34
C ALA A 30 18.46 1.01 16.39
N VAL A 31 17.39 1.45 15.71
CA VAL A 31 16.74 0.67 14.66
C VAL A 31 16.80 1.42 13.34
N LEU A 32 17.52 0.86 12.36
CA LEU A 32 17.64 1.47 11.05
C LEU A 32 16.71 0.78 10.06
N GLY A 33 15.71 1.52 9.58
CA GLY A 33 14.59 0.94 8.84
C GLY A 33 13.39 0.76 9.77
N ALA A 34 13.17 1.73 10.66
CA ALA A 34 12.19 1.59 11.72
C ALA A 34 10.74 1.78 11.27
N SER A 35 10.53 2.29 10.04
CA SER A 35 9.18 2.56 9.53
C SER A 35 8.59 1.40 8.73
N GLY A 36 9.41 0.41 8.41
CA GLY A 36 8.97 -0.72 7.58
C GLY A 36 8.18 -1.78 8.33
N GLY A 37 7.82 -2.84 7.62
CA GLY A 37 7.01 -3.92 8.17
C GLY A 37 7.64 -4.62 9.36
N ILE A 38 8.96 -4.77 9.33
CA ILE A 38 9.70 -5.34 10.44
C ILE A 38 10.00 -4.28 11.48
N GLY A 39 10.51 -3.14 11.03
CA GLY A 39 10.95 -2.06 11.90
C GLY A 39 9.96 -1.60 12.96
N GLN A 40 8.69 -1.48 12.57
CA GLN A 40 7.70 -0.90 13.49
C GLN A 40 7.37 -1.85 14.66
N PRO A 41 6.97 -3.10 14.37
CA PRO A 41 6.73 -4.01 15.50
C PRO A 41 7.99 -4.32 16.30
N LEU A 42 9.16 -4.30 15.63
CA LEU A 42 10.44 -4.48 16.34
C LEU A 42 10.64 -3.34 17.33
N SER A 43 10.41 -2.12 16.86
CA SER A 43 10.52 -0.92 17.71
C SER A 43 9.56 -0.98 18.89
N LEU A 44 8.34 -1.47 18.65
CA LEU A 44 7.36 -1.65 19.71
C LEU A 44 7.88 -2.60 20.79
N LEU A 45 8.39 -3.76 20.38
CA LEU A 45 8.89 -4.75 21.33
C LEU A 45 10.06 -4.23 22.16
N LEU A 46 10.97 -3.51 21.51
CA LEU A 46 12.10 -2.90 22.19
C LEU A 46 11.64 -1.82 23.17
N LYS A 47 10.68 -1.00 22.76
CA LYS A 47 10.10 0.03 23.62
C LYS A 47 9.42 -0.58 24.84
N ASN A 48 8.81 -1.74 24.66
CA ASN A 48 8.11 -2.43 25.76
C ASN A 48 9.05 -3.04 26.81
N SER A 49 10.36 -3.09 26.53
CA SER A 49 11.30 -3.80 27.39
C SER A 49 11.98 -2.92 28.44
N PRO A 50 12.00 -3.38 29.70
CA PRO A 50 12.71 -2.65 30.75
C PRO A 50 14.25 -2.65 30.57
N LEU A 51 14.77 -3.42 29.62
CA LEU A 51 16.19 -3.43 29.31
C LEU A 51 16.63 -2.20 28.49
N VAL A 52 15.67 -1.51 27.87
CA VAL A 52 15.99 -0.39 26.97
C VAL A 52 15.69 0.95 27.63
N SER A 53 16.71 1.81 27.74
CA SER A 53 16.52 3.15 28.30
C SER A 53 16.43 4.22 27.22
N ARG A 54 16.95 3.94 26.02
CA ARG A 54 16.93 4.88 24.90
C ARG A 54 16.74 4.12 23.59
N LEU A 55 15.72 4.50 22.84
CA LEU A 55 15.40 3.88 21.57
C LEU A 55 15.40 4.94 20.47
N THR A 56 16.37 4.85 19.56
CA THR A 56 16.47 5.79 18.46
C THR A 56 16.06 5.12 17.16
N LEU A 57 15.20 5.78 16.41
CA LEU A 57 14.60 5.21 15.21
C LEU A 57 15.02 6.00 13.98
N TYR A 58 15.42 5.27 12.94
CA TYR A 58 15.82 5.89 11.68
C TYR A 58 15.13 5.28 10.47
N ASP A 59 14.73 6.14 9.56
CA ASP A 59 14.32 5.73 8.23
C ASP A 59 14.35 6.97 7.32
N ILE A 60 14.03 6.77 6.06
CA ILE A 60 14.02 7.86 5.08
C ILE A 60 12.64 8.51 4.98
N ALA A 61 11.67 7.96 5.73
CA ALA A 61 10.30 8.44 5.73
C ALA A 61 9.54 7.89 6.95
N HIS A 62 8.60 8.67 7.48
CA HIS A 62 7.61 8.23 8.49
C HIS A 62 8.11 8.06 9.94
N THR A 63 9.41 8.20 10.20
CA THR A 63 9.96 7.99 11.54
C THR A 63 9.40 8.91 12.62
N PRO A 64 9.18 10.20 12.31
CA PRO A 64 8.60 11.09 13.32
C PRO A 64 7.23 10.62 13.84
N GLY A 65 6.40 10.09 12.95
CA GLY A 65 5.09 9.56 13.34
C GLY A 65 5.16 8.27 14.13
N VAL A 66 6.05 7.37 13.70
CA VAL A 66 6.28 6.11 14.42
C VAL A 66 6.80 6.41 15.83
N ALA A 67 7.77 7.31 15.92
CA ALA A 67 8.35 7.69 17.21
C ALA A 67 7.34 8.38 18.13
N ALA A 68 6.53 9.28 17.57
CA ALA A 68 5.49 9.97 18.34
C ALA A 68 4.49 8.99 18.92
N ASP A 69 4.05 8.05 18.08
CA ASP A 69 3.21 6.91 18.44
C ASP A 69 3.81 6.15 19.63
N LEU A 70 5.04 5.68 19.47
CA LEU A 70 5.69 4.85 20.49
C LEU A 70 6.01 5.60 21.78
N SER A 71 6.28 6.90 21.67
CA SER A 71 6.65 7.71 22.84
C SER A 71 5.54 7.82 23.89
N HIS A 72 4.31 7.49 23.50
CA HIS A 72 3.16 7.55 24.41
C HIS A 72 3.07 6.33 25.34
N ILE A 73 3.80 5.27 25.02
CA ILE A 73 3.78 4.04 25.81
C ILE A 73 4.47 4.24 27.18
N GLU A 74 3.84 3.70 28.21
CA GLU A 74 4.24 3.89 29.61
C GLU A 74 5.46 3.09 30.06
N THR A 75 6.54 3.13 29.26
CA THR A 75 7.79 2.50 29.66
C THR A 75 8.90 3.54 29.62
N LYS A 76 10.00 3.23 30.30
CA LYS A 76 11.04 4.22 30.56
C LYS A 76 11.84 4.64 29.32
N ALA A 77 11.89 3.79 28.30
CA ALA A 77 12.72 4.08 27.13
C ALA A 77 12.34 5.39 26.44
N ALA A 78 13.30 6.29 26.32
CA ALA A 78 13.10 7.54 25.59
C ALA A 78 13.16 7.25 24.10
N VAL A 79 12.12 7.68 23.37
CA VAL A 79 12.00 7.39 21.95
C VAL A 79 12.24 8.65 21.13
N LYS A 80 13.17 8.59 20.17
CA LYS A 80 13.39 9.67 19.22
C LYS A 80 13.38 9.15 17.79
N GLY A 81 12.68 9.86 16.92
CA GLY A 81 12.63 9.55 15.50
C GLY A 81 13.64 10.41 14.75
N TYR A 82 14.34 9.80 13.79
CA TYR A 82 15.30 10.52 12.94
C TYR A 82 14.97 10.28 11.48
N LEU A 83 15.23 11.28 10.65
CA LEU A 83 14.77 11.30 9.28
C LEU A 83 15.79 11.99 8.37
N GLY A 84 16.28 11.27 7.35
CA GLY A 84 17.21 11.83 6.37
C GLY A 84 18.67 11.67 6.76
N PRO A 85 19.58 11.71 5.76
CA PRO A 85 21.02 11.45 5.98
C PRO A 85 21.65 12.35 7.04
N GLU A 86 21.21 13.60 7.11
CA GLU A 86 21.71 14.57 8.08
C GLU A 86 21.54 14.09 9.52
N GLN A 87 20.46 13.36 9.79
CA GLN A 87 20.12 12.96 11.16
C GLN A 87 20.60 11.55 11.55
N LEU A 88 21.03 10.76 10.58
CA LEU A 88 21.48 9.38 10.83
C LEU A 88 22.59 9.32 11.90
N PRO A 89 23.61 10.20 11.80
CA PRO A 89 24.66 10.20 12.82
C PRO A 89 24.16 10.40 14.25
N ASP A 90 23.22 11.32 14.42
CA ASP A 90 22.64 11.59 15.74
C ASP A 90 21.82 10.41 16.26
N CYS A 91 21.22 9.66 15.36
CA CYS A 91 20.52 8.44 15.73
C CYS A 91 21.46 7.38 16.32
N LEU A 92 22.69 7.33 15.80
CA LEU A 92 23.64 6.26 16.13
C LEU A 92 24.58 6.55 17.30
N LYS A 93 24.83 7.82 17.59
CA LYS A 93 25.82 8.20 18.62
C LYS A 93 25.49 7.67 20.02
N GLY A 94 26.43 6.93 20.60
CA GLY A 94 26.26 6.36 21.93
C GLY A 94 25.49 5.06 22.00
N CYS A 95 25.12 4.49 20.84
CA CYS A 95 24.35 3.24 20.81
C CYS A 95 25.15 2.04 21.29
N ASP A 96 24.51 1.19 22.09
CA ASP A 96 25.08 -0.08 22.51
C ASP A 96 24.79 -1.16 21.48
N VAL A 97 23.63 -1.07 20.84
CA VAL A 97 23.18 -2.05 19.85
C VAL A 97 22.48 -1.35 18.70
N VAL A 98 22.83 -1.76 17.47
CA VAL A 98 22.14 -1.29 16.28
C VAL A 98 21.52 -2.50 15.60
N VAL A 99 20.21 -2.45 15.38
CA VAL A 99 19.49 -3.48 14.62
C VAL A 99 19.11 -2.89 13.27
N ILE A 100 19.31 -3.66 12.20
CA ILE A 100 19.05 -3.19 10.85
C ILE A 100 18.03 -4.08 10.13
N PRO A 101 16.73 -3.81 10.35
CA PRO A 101 15.69 -4.48 9.57
C PRO A 101 15.49 -3.91 8.17
N ALA A 102 16.08 -2.75 7.89
CA ALA A 102 15.95 -2.08 6.59
C ALA A 102 16.14 -3.05 5.43
N GLY A 103 15.36 -2.87 4.37
CA GLY A 103 15.52 -3.67 3.16
C GLY A 103 14.20 -4.03 2.50
N VAL A 104 14.26 -4.34 1.21
CA VAL A 104 13.10 -4.78 0.45
C VAL A 104 12.81 -6.25 0.77
N PRO A 105 11.52 -6.59 0.98
CA PRO A 105 11.19 -7.98 1.28
C PRO A 105 10.97 -8.82 0.02
N ARG A 106 10.98 -10.13 0.18
CA ARG A 106 10.71 -11.06 -0.93
C ARG A 106 9.23 -11.08 -1.34
N LYS A 107 9.01 -11.37 -2.62
CA LYS A 107 7.68 -11.74 -3.11
C LYS A 107 7.71 -13.20 -3.53
N PRO A 108 6.52 -13.84 -3.65
CA PRO A 108 6.45 -15.25 -3.98
C PRO A 108 7.26 -15.63 -5.21
N GLY A 109 8.13 -16.65 -5.09
CA GLY A 109 8.92 -17.14 -6.20
C GLY A 109 10.34 -16.61 -6.25
N MET A 110 10.69 -15.67 -5.36
CA MET A 110 12.04 -15.09 -5.32
C MET A 110 12.91 -15.83 -4.32
N THR A 111 14.22 -15.84 -4.54
CA THR A 111 15.17 -16.23 -3.50
C THR A 111 15.54 -14.95 -2.77
N ARG A 112 16.16 -15.10 -1.61
CA ARG A 112 16.66 -13.95 -0.88
C ARG A 112 17.80 -13.31 -1.68
N ASP A 113 18.58 -14.15 -2.36
CA ASP A 113 19.66 -13.67 -3.21
C ASP A 113 19.18 -12.73 -4.33
N ASP A 114 17.96 -12.94 -4.81
CA ASP A 114 17.36 -12.05 -5.82
C ASP A 114 17.27 -10.59 -5.37
N LEU A 115 17.27 -10.37 -4.06
CA LEU A 115 17.19 -9.02 -3.51
C LEU A 115 18.56 -8.41 -3.21
N PHE A 116 19.62 -9.15 -3.52
CA PHE A 116 20.98 -8.70 -3.23
C PHE A 116 21.28 -7.31 -3.76
N ASN A 117 21.01 -7.08 -5.04
CA ASN A 117 21.41 -5.83 -5.68
C ASN A 117 20.75 -4.56 -5.14
N THR A 118 19.62 -4.70 -4.45
CA THR A 118 18.99 -3.56 -3.76
C THR A 118 19.50 -3.45 -2.33
N ASN A 119 19.39 -4.55 -1.59
CA ASN A 119 19.71 -4.54 -0.16
C ASN A 119 21.20 -4.42 0.14
N ALA A 120 22.05 -4.76 -0.83
CA ALA A 120 23.50 -4.65 -0.65
C ALA A 120 23.92 -3.21 -0.43
N THR A 121 23.41 -2.30 -1.27
CA THR A 121 23.75 -0.88 -1.13
C THR A 121 23.07 -0.21 0.07
N ILE A 122 21.91 -0.72 0.48
CA ILE A 122 21.25 -0.27 1.71
C ILE A 122 22.07 -0.64 2.94
N VAL A 123 22.52 -1.89 3.01
CA VAL A 123 23.38 -2.36 4.09
C VAL A 123 24.73 -1.64 4.07
N ALA A 124 25.30 -1.47 2.89
CA ALA A 124 26.59 -0.80 2.75
C ALA A 124 26.52 0.60 3.38
N THR A 125 25.53 1.38 2.97
CA THR A 125 25.35 2.76 3.45
C THR A 125 25.10 2.84 4.95
N LEU A 126 24.20 2.00 5.46
CA LEU A 126 23.84 2.03 6.87
C LEU A 126 24.97 1.52 7.78
N THR A 127 25.71 0.50 7.33
CA THR A 127 26.83 -0.02 8.14
C THR A 127 28.04 0.90 8.12
N ALA A 128 28.26 1.61 7.00
CA ALA A 128 29.28 2.67 6.95
C ALA A 128 29.01 3.74 8.01
N ALA A 129 27.75 4.17 8.11
CA ALA A 129 27.34 5.13 9.15
C ALA A 129 27.59 4.58 10.56
N CYS A 130 27.34 3.29 10.75
CA CYS A 130 27.61 2.63 12.04
C CYS A 130 29.10 2.59 12.36
N ALA A 131 29.91 2.26 11.36
CA ALA A 131 31.37 2.22 11.53
C ALA A 131 31.92 3.60 11.87
N GLN A 132 31.29 4.65 11.34
CA GLN A 132 31.67 6.03 11.63
C GLN A 132 31.23 6.49 13.02
N HIS A 133 29.97 6.23 13.37
CA HIS A 133 29.36 6.88 14.54
C HIS A 133 29.11 6.01 15.76
N CYS A 134 29.15 4.69 15.61
CA CYS A 134 29.08 3.79 16.78
C CYS A 134 29.81 2.47 16.49
N PRO A 135 31.12 2.54 16.21
CA PRO A 135 31.91 1.36 15.85
C PRO A 135 32.00 0.31 16.95
N GLU A 136 31.78 0.69 18.19
CA GLU A 136 31.84 -0.24 19.32
C GLU A 136 30.48 -0.87 19.62
N ALA A 137 29.44 -0.49 18.90
CA ALA A 137 28.10 -1.06 19.12
C ALA A 137 28.01 -2.47 18.54
N MET A 138 27.06 -3.24 19.07
CA MET A 138 26.73 -4.54 18.49
C MET A 138 25.90 -4.26 17.24
N ILE A 139 26.36 -4.78 16.10
CA ILE A 139 25.68 -4.56 14.82
C ILE A 139 24.89 -5.83 14.45
N CYS A 140 23.57 -5.72 14.44
CA CYS A 140 22.68 -6.83 14.20
C CYS A 140 21.98 -6.66 12.86
N VAL A 141 22.41 -7.40 11.85
CA VAL A 141 21.88 -7.24 10.50
C VAL A 141 20.73 -8.23 10.27
N ILE A 142 19.54 -7.69 10.07
CA ILE A 142 18.40 -8.51 9.66
C ILE A 142 18.28 -8.50 8.14
N ALA A 143 18.70 -7.40 7.52
CA ALA A 143 18.56 -7.20 6.08
C ALA A 143 19.14 -8.36 5.28
N ASN A 144 18.31 -8.96 4.42
CA ASN A 144 18.69 -10.12 3.63
C ASN A 144 19.17 -9.76 2.21
N PRO A 145 19.94 -10.67 1.56
CA PRO A 145 20.35 -12.00 2.04
C PRO A 145 21.49 -11.93 3.06
N VAL A 146 21.22 -12.38 4.28
CA VAL A 146 22.19 -12.34 5.38
C VAL A 146 23.51 -13.02 5.03
N ASN A 147 23.45 -14.10 4.25
CA ASN A 147 24.66 -14.81 3.83
C ASN A 147 25.66 -13.94 3.04
N SER A 148 25.15 -12.89 2.38
CA SER A 148 26.01 -11.94 1.65
C SER A 148 26.17 -10.60 2.36
N THR A 149 25.16 -10.14 3.09
CA THR A 149 25.17 -8.80 3.69
C THR A 149 26.03 -8.69 4.96
N ILE A 150 26.25 -9.80 5.66
CA ILE A 150 27.23 -9.79 6.76
C ILE A 150 28.67 -9.60 6.22
N PRO A 151 29.06 -10.36 5.18
CA PRO A 151 30.34 -10.05 4.53
C PRO A 151 30.50 -8.60 4.11
N ILE A 152 29.45 -8.01 3.54
CA ILE A 152 29.43 -6.58 3.24
C ILE A 152 29.73 -5.75 4.50
N THR A 153 28.97 -6.01 5.56
CA THR A 153 29.12 -5.29 6.82
C THR A 153 30.55 -5.36 7.37
N ALA A 154 31.14 -6.56 7.34
CA ALA A 154 32.50 -6.76 7.81
C ALA A 154 33.51 -6.00 6.95
N GLU A 155 33.35 -6.04 5.64
CA GLU A 155 34.26 -5.31 4.74
C GLU A 155 34.15 -3.80 4.89
N VAL A 156 32.93 -3.30 5.07
CA VAL A 156 32.71 -1.88 5.33
C VAL A 156 33.41 -1.46 6.62
N PHE A 157 33.29 -2.26 7.67
CA PHE A 157 33.99 -1.99 8.93
C PHE A 157 35.52 -2.04 8.78
N LYS A 158 36.01 -2.94 7.94
CA LYS A 158 37.46 -3.02 7.66
C LYS A 158 37.97 -1.76 6.98
N LYS A 159 37.22 -1.24 6.00
CA LYS A 159 37.57 0.01 5.32
C LYS A 159 37.74 1.15 6.32
N HIS A 160 36.92 1.15 7.37
CA HIS A 160 36.97 2.20 8.39
C HIS A 160 37.93 1.91 9.53
N GLY A 161 38.63 0.77 9.48
CA GLY A 161 39.64 0.42 10.46
C GLY A 161 39.10 0.07 11.85
N VAL A 162 37.83 -0.30 11.93
CA VAL A 162 37.19 -0.59 13.22
C VAL A 162 36.48 -1.94 13.22
N TYR A 163 37.02 -2.91 12.48
CA TYR A 163 36.38 -4.23 12.38
C TYR A 163 36.64 -5.07 13.62
N ASN A 164 35.56 -5.39 14.34
CA ASN A 164 35.59 -6.30 15.47
C ASN A 164 34.63 -7.47 15.21
N PRO A 165 35.15 -8.66 14.86
CA PRO A 165 34.29 -9.79 14.51
C PRO A 165 33.41 -10.33 15.64
N ASN A 166 33.70 -9.96 16.88
CA ASN A 166 32.87 -10.37 18.02
C ASN A 166 31.62 -9.48 18.21
N LYS A 167 31.43 -8.48 17.36
CA LYS A 167 30.30 -7.55 17.49
C LYS A 167 29.41 -7.42 16.25
N ILE A 168 29.62 -8.29 15.25
CA ILE A 168 28.82 -8.24 14.02
C ILE A 168 28.03 -9.55 13.88
N PHE A 169 26.71 -9.42 13.81
CA PHE A 169 25.82 -10.57 13.88
C PHE A 169 24.80 -10.56 12.75
N GLY A 170 24.80 -11.63 11.94
CA GLY A 170 23.72 -11.90 11.01
C GLY A 170 22.59 -12.58 11.77
N VAL A 171 21.44 -11.92 11.82
CA VAL A 171 20.35 -12.38 12.70
C VAL A 171 19.62 -13.53 12.04
N THR A 172 19.89 -14.74 12.54
CA THR A 172 19.30 -15.98 12.07
C THR A 172 18.30 -16.53 13.08
N THR A 173 18.01 -15.74 14.12
CA THR A 173 17.22 -16.20 15.26
C THR A 173 15.83 -16.72 14.87
N LEU A 174 15.25 -16.17 13.80
CA LEU A 174 13.93 -16.62 13.33
C LEU A 174 13.93 -18.09 12.88
N ASP A 175 15.03 -18.55 12.30
CA ASP A 175 15.19 -19.98 11.95
C ASP A 175 15.12 -20.86 13.19
N ILE A 176 15.74 -20.42 14.29
CA ILE A 176 15.74 -21.17 15.55
C ILE A 176 14.31 -21.15 16.12
N VAL A 177 13.72 -19.96 16.17
CA VAL A 177 12.36 -19.78 16.67
C VAL A 177 11.38 -20.70 15.92
N ARG A 178 11.51 -20.76 14.60
CA ARG A 178 10.73 -21.66 13.76
C ARG A 178 10.99 -23.12 14.15
N ALA A 179 12.26 -23.48 14.27
CA ALA A 179 12.63 -24.85 14.62
C ALA A 179 12.04 -25.25 15.97
N ASN A 180 12.10 -24.34 16.94
CA ASN A 180 11.51 -24.62 18.25
C ASN A 180 10.02 -24.86 18.15
N THR A 181 9.32 -23.98 17.42
CA THR A 181 7.88 -24.10 17.24
C THR A 181 7.48 -25.40 16.55
N PHE A 182 8.12 -25.71 15.42
CA PHE A 182 7.74 -26.89 14.64
C PHE A 182 8.04 -28.18 15.40
N VAL A 183 9.16 -28.21 16.12
CA VAL A 183 9.51 -29.36 16.96
C VAL A 183 8.47 -29.55 18.06
N ALA A 184 8.10 -28.46 18.74
CA ALA A 184 7.10 -28.49 19.79
C ALA A 184 5.73 -28.95 19.30
N GLU A 185 5.34 -28.49 18.12
CA GLU A 185 4.07 -28.89 17.51
C GLU A 185 4.02 -30.39 17.19
N LEU A 186 5.10 -30.91 16.63
CA LEU A 186 5.16 -32.33 16.28
C LEU A 186 5.16 -33.26 17.49
N LYS A 187 5.87 -32.87 18.54
CA LYS A 187 5.98 -33.68 19.77
C LYS A 187 4.95 -33.35 20.85
N GLY A 188 4.18 -32.29 20.66
CA GLY A 188 3.22 -31.84 21.67
C GLY A 188 3.92 -31.29 22.92
N LEU A 189 4.88 -30.39 22.70
CA LEU A 189 5.64 -29.78 23.80
C LEU A 189 5.30 -28.31 23.91
N ASP A 190 5.73 -27.70 25.00
CA ASP A 190 5.69 -26.25 25.17
C ASP A 190 6.88 -25.66 24.39
N PRO A 191 6.60 -24.84 23.35
CA PRO A 191 7.69 -24.26 22.55
C PRO A 191 8.67 -23.39 23.36
N ALA A 192 8.20 -22.84 24.48
CA ALA A 192 9.07 -22.09 25.40
C ALA A 192 10.18 -22.98 25.97
N ARG A 193 9.89 -24.27 26.11
CA ARG A 193 10.85 -25.23 26.66
C ARG A 193 11.75 -25.90 25.62
N VAL A 194 11.57 -25.58 24.33
CA VAL A 194 12.34 -26.20 23.26
C VAL A 194 13.45 -25.28 22.76
N ASN A 195 14.66 -25.82 22.62
CA ASN A 195 15.78 -25.08 22.04
C ASN A 195 16.53 -25.93 21.02
N VAL A 196 16.32 -25.63 19.74
CA VAL A 196 16.98 -26.33 18.63
C VAL A 196 18.10 -25.46 18.07
N PRO A 197 19.35 -25.97 18.13
CA PRO A 197 20.44 -25.28 17.42
C PRO A 197 20.26 -25.35 15.91
N VAL A 198 20.41 -24.22 15.23
CA VAL A 198 20.34 -24.15 13.78
C VAL A 198 21.63 -23.49 13.29
N ILE A 199 22.34 -24.17 12.41
CA ILE A 199 23.66 -23.71 11.99
C ILE A 199 23.69 -23.45 10.49
N GLY A 200 24.82 -22.97 9.99
CA GLY A 200 25.02 -22.74 8.56
C GLY A 200 24.80 -21.29 8.20
N GLY A 201 23.69 -21.01 7.52
CA GLY A 201 23.35 -19.65 7.11
C GLY A 201 21.85 -19.48 7.03
N HIS A 202 21.42 -18.38 6.39
CA HIS A 202 20.00 -18.04 6.31
C HIS A 202 19.51 -17.97 4.85
N ALA A 203 19.49 -19.14 4.21
CA ALA A 203 18.91 -19.30 2.87
C ALA A 203 18.75 -20.79 2.53
N GLY A 204 17.51 -21.22 2.31
CA GLY A 204 17.21 -22.58 1.87
C GLY A 204 18.00 -23.70 2.51
N LYS A 205 18.87 -24.33 1.73
CA LYS A 205 19.62 -25.51 2.18
C LYS A 205 20.82 -25.17 3.07
N THR A 206 21.14 -23.88 3.21
CA THR A 206 22.18 -23.46 4.16
C THR A 206 21.64 -23.42 5.59
N ILE A 207 20.33 -23.48 5.74
CA ILE A 207 19.69 -23.54 7.05
C ILE A 207 19.70 -25.00 7.51
N ILE A 208 20.49 -25.29 8.54
CA ILE A 208 20.69 -26.66 9.01
C ILE A 208 20.25 -26.80 10.46
N PRO A 209 19.04 -27.31 10.70
CA PRO A 209 18.62 -27.54 12.08
C PRO A 209 19.27 -28.80 12.64
N LEU A 210 19.90 -28.67 13.80
CA LEU A 210 20.53 -29.80 14.46
C LEU A 210 19.55 -30.39 15.46
N ILE A 211 18.63 -31.20 14.94
CA ILE A 211 17.59 -31.84 15.75
C ILE A 211 18.21 -32.83 16.74
N SER A 212 19.33 -33.44 16.36
CA SER A 212 20.05 -34.34 17.26
C SER A 212 20.53 -33.62 18.52
N GLN A 213 20.69 -32.30 18.44
CA GLN A 213 21.15 -31.50 19.57
C GLN A 213 20.03 -30.74 20.27
N CYS A 214 18.78 -31.01 19.90
CA CYS A 214 17.64 -30.34 20.53
C CYS A 214 17.56 -30.61 22.03
N THR A 215 17.18 -29.60 22.80
CA THR A 215 16.79 -29.80 24.20
C THR A 215 15.34 -29.33 24.35
N PRO A 216 14.46 -30.18 24.93
CA PRO A 216 14.75 -31.53 25.40
C PRO A 216 15.11 -32.45 24.23
N LYS A 217 15.72 -33.57 24.55
CA LYS A 217 16.12 -34.52 23.53
C LYS A 217 14.86 -35.16 22.97
N VAL A 218 14.76 -35.17 21.65
CA VAL A 218 13.57 -35.66 20.95
C VAL A 218 13.98 -36.70 19.92
N ASP A 219 13.16 -37.72 19.76
CA ASP A 219 13.40 -38.75 18.78
C ASP A 219 12.25 -38.73 17.79
N PHE A 220 12.57 -38.59 16.51
CA PHE A 220 11.57 -38.54 15.45
C PHE A 220 11.80 -39.70 14.48
N PRO A 221 10.73 -40.38 14.06
CA PRO A 221 10.90 -41.28 12.92
C PRO A 221 11.40 -40.51 11.70
N GLN A 222 12.08 -41.22 10.80
CA GLN A 222 12.77 -40.58 9.68
C GLN A 222 11.88 -39.68 8.81
N ASP A 223 10.68 -40.16 8.46
CA ASP A 223 9.80 -39.42 7.56
C ASP A 223 9.34 -38.08 8.15
N GLN A 224 9.14 -38.06 9.47
CA GLN A 224 8.86 -36.81 10.18
C GLN A 224 10.09 -35.92 10.30
N LEU A 225 11.25 -36.53 10.57
CA LEU A 225 12.50 -35.78 10.65
C LEU A 225 12.79 -35.05 9.35
N THR A 226 12.60 -35.75 8.22
CA THR A 226 12.83 -35.20 6.89
C THR A 226 11.85 -34.08 6.55
N ALA A 227 10.57 -34.27 6.89
CA ALA A 227 9.55 -33.25 6.66
C ALA A 227 9.71 -32.04 7.59
N LEU A 228 10.12 -32.30 8.83
CA LEU A 228 10.42 -31.24 9.80
C LEU A 228 11.58 -30.37 9.33
N THR A 229 12.66 -31.02 8.89
CA THR A 229 13.86 -30.31 8.46
C THR A 229 13.57 -29.43 7.25
N GLY A 230 12.83 -29.97 6.28
CA GLY A 230 12.42 -29.22 5.08
C GLY A 230 11.50 -28.06 5.41
N ARG A 231 10.53 -28.30 6.30
CA ARG A 231 9.63 -27.25 6.77
C ARG A 231 10.44 -26.06 7.32
N ILE A 232 11.43 -26.37 8.16
CA ILE A 232 12.30 -25.34 8.74
C ILE A 232 13.09 -24.58 7.66
N GLN A 233 13.55 -25.31 6.64
CA GLN A 233 14.33 -24.71 5.57
C GLN A 233 13.50 -23.84 4.64
N GLU A 234 12.24 -24.22 4.44
CA GLU A 234 11.35 -23.52 3.53
C GLU A 234 10.37 -22.58 4.25
N ALA A 235 10.52 -22.46 5.57
CA ALA A 235 9.58 -21.70 6.40
C ALA A 235 9.40 -20.25 5.94
N GLY A 236 10.49 -19.62 5.51
CA GLY A 236 10.45 -18.27 4.99
C GLY A 236 9.58 -18.14 3.75
N THR A 237 9.74 -19.09 2.83
CA THR A 237 8.98 -19.10 1.59
C THR A 237 7.51 -19.37 1.86
N GLU A 238 7.23 -20.25 2.83
CA GLU A 238 5.84 -20.56 3.16
C GLU A 238 5.10 -19.31 3.67
N VAL A 239 5.78 -18.44 4.40
CA VAL A 239 5.15 -17.18 4.83
C VAL A 239 5.01 -16.21 3.66
N VAL A 240 5.99 -16.18 2.77
CA VAL A 240 5.92 -15.34 1.57
C VAL A 240 4.75 -15.79 0.67
N LYS A 241 4.62 -17.11 0.46
CA LYS A 241 3.49 -17.68 -0.27
C LYS A 241 2.16 -17.31 0.38
N ALA A 242 2.08 -17.46 1.70
CA ALA A 242 0.84 -17.17 2.43
C ALA A 242 0.45 -15.70 2.33
N LYS A 243 1.44 -14.81 2.23
CA LYS A 243 1.18 -13.38 2.10
C LYS A 243 0.84 -12.97 0.66
N ALA A 244 1.03 -13.87 -0.29
CA ALA A 244 0.52 -13.72 -1.67
C ALA A 244 0.93 -12.42 -2.35
N GLY A 245 2.15 -11.95 -2.08
CA GLY A 245 2.66 -10.74 -2.70
C GLY A 245 2.85 -9.58 -1.75
N ALA A 246 2.24 -9.65 -0.56
CA ALA A 246 2.34 -8.56 0.41
C ALA A 246 3.52 -8.75 1.37
N GLY A 247 4.67 -9.15 0.84
CA GLY A 247 5.91 -9.20 1.60
C GLY A 247 6.25 -10.54 2.22
N SER A 248 7.18 -10.50 3.17
CA SER A 248 7.67 -11.70 3.87
C SER A 248 7.38 -11.51 5.35
N ALA A 249 7.86 -12.47 6.17
CA ALA A 249 7.63 -12.42 7.63
C ALA A 249 8.03 -11.06 8.21
N THR A 250 7.14 -10.50 9.02
CA THR A 250 7.37 -9.20 9.66
C THR A 250 7.24 -9.30 11.18
N LEU A 251 6.13 -9.86 11.64
CA LEU A 251 5.81 -9.90 13.06
C LEU A 251 6.68 -10.93 13.80
N SER A 252 6.89 -12.09 13.18
CA SER A 252 7.78 -13.10 13.76
C SER A 252 9.25 -12.71 13.63
N MET A 253 9.60 -11.96 12.59
CA MET A 253 10.96 -11.44 12.45
C MET A 253 11.22 -10.38 13.51
N ALA A 254 10.22 -9.56 13.80
CA ALA A 254 10.32 -8.59 14.89
C ALA A 254 10.52 -9.29 16.24
N TYR A 255 9.75 -10.35 16.49
CA TYR A 255 9.93 -11.15 17.69
C TYR A 255 11.36 -11.69 17.81
N ALA A 256 11.84 -12.27 16.71
CA ALA A 256 13.15 -12.92 16.70
C ALA A 256 14.28 -11.91 16.88
N GLY A 257 14.15 -10.77 16.22
CA GLY A 257 15.14 -9.69 16.32
C GLY A 257 15.20 -9.11 17.71
N ALA A 258 14.03 -8.97 18.35
CA ALA A 258 13.96 -8.46 19.72
C ALA A 258 14.64 -9.45 20.67
N ARG A 259 14.28 -10.73 20.55
CA ARG A 259 14.87 -11.77 21.37
C ARG A 259 16.40 -11.72 21.29
N PHE A 260 16.92 -11.58 20.08
CA PHE A 260 18.36 -11.54 19.88
C PHE A 260 18.98 -10.31 20.56
N VAL A 261 18.33 -9.16 20.39
CA VAL A 261 18.79 -7.93 21.04
C VAL A 261 18.78 -8.09 22.56
N PHE A 262 17.70 -8.66 23.08
CA PHE A 262 17.59 -8.92 24.52
C PHE A 262 18.68 -9.88 25.01
N SER A 263 18.94 -10.95 24.27
CA SER A 263 20.02 -11.85 24.64
C SER A 263 21.35 -11.11 24.71
N LEU A 264 21.62 -10.30 23.69
CA LEU A 264 22.85 -9.50 23.63
C LEU A 264 22.95 -8.55 24.84
N VAL A 265 21.84 -7.89 25.16
CA VAL A 265 21.81 -6.91 26.26
C VAL A 265 21.97 -7.57 27.63
N ASP A 266 21.26 -8.68 27.85
CA ASP A 266 21.48 -9.50 29.04
C ASP A 266 22.95 -9.86 29.21
N ALA A 267 23.59 -10.31 28.13
CA ALA A 267 25.01 -10.68 28.17
C ALA A 267 25.90 -9.48 28.50
N MET A 268 25.61 -8.34 27.90
CA MET A 268 26.33 -7.10 28.20
C MET A 268 26.14 -6.69 29.67
N ASN A 269 24.97 -6.98 30.23
CA ASN A 269 24.68 -6.72 31.64
C ASN A 269 25.29 -7.76 32.59
N GLY A 270 26.07 -8.71 32.07
CA GLY A 270 26.79 -9.66 32.89
C GLY A 270 26.11 -10.99 33.16
N LYS A 271 24.95 -11.22 32.53
CA LYS A 271 24.26 -12.50 32.70
C LYS A 271 25.06 -13.61 32.03
N GLU A 272 25.20 -14.73 32.74
CA GLU A 272 25.99 -15.87 32.29
C GLU A 272 25.13 -16.87 31.54
N GLY A 273 25.78 -17.70 30.73
CA GLY A 273 25.11 -18.81 30.04
C GLY A 273 24.19 -18.41 28.89
N VAL A 274 24.31 -17.18 28.39
CA VAL A 274 23.49 -16.72 27.27
C VAL A 274 24.08 -17.22 25.96
N VAL A 275 23.34 -18.08 25.28
CA VAL A 275 23.76 -18.70 24.02
C VAL A 275 22.75 -18.40 22.92
N GLU A 276 23.24 -17.87 21.79
CA GLU A 276 22.41 -17.67 20.60
C GLU A 276 23.18 -18.09 19.36
N CYS A 277 22.50 -18.77 18.44
CA CYS A 277 23.05 -19.01 17.12
C CYS A 277 23.01 -17.71 16.34
N SER A 278 24.08 -17.41 15.61
CA SER A 278 24.10 -16.26 14.72
C SER A 278 25.17 -16.43 13.65
N PHE A 279 24.91 -15.85 12.48
CA PHE A 279 25.82 -15.90 11.34
C PHE A 279 26.93 -14.87 11.52
N VAL A 280 28.15 -15.36 11.81
CA VAL A 280 29.28 -14.50 12.18
C VAL A 280 30.58 -14.94 11.49
N LYS A 281 31.61 -14.11 11.61
CA LYS A 281 32.97 -14.50 11.21
C LYS A 281 33.31 -15.82 11.91
N SER A 282 33.71 -16.84 11.13
CA SER A 282 33.86 -18.18 11.67
C SER A 282 35.09 -18.92 11.15
N GLN A 283 35.62 -19.81 11.99
CA GLN A 283 36.71 -20.72 11.63
C GLN A 283 36.28 -22.19 11.81
N GLU A 284 34.97 -22.44 11.77
CA GLU A 284 34.41 -23.77 11.98
C GLU A 284 34.52 -24.63 10.72
N THR A 285 34.33 -24.01 9.57
CA THR A 285 34.49 -24.67 8.28
C THR A 285 35.36 -23.78 7.41
N GLU A 286 35.54 -24.17 6.16
CA GLU A 286 36.29 -23.36 5.21
C GLU A 286 35.55 -22.06 4.84
N CYS A 287 34.27 -21.98 5.21
CA CYS A 287 33.50 -20.74 5.06
C CYS A 287 33.99 -19.69 6.06
N THR A 288 34.31 -18.51 5.55
CA THR A 288 34.80 -17.41 6.38
C THR A 288 33.70 -16.81 7.27
N TYR A 289 32.44 -17.04 6.89
CA TYR A 289 31.28 -16.71 7.74
C TYR A 289 30.34 -17.90 7.83
N PHE A 290 29.79 -18.12 9.02
CA PHE A 290 29.02 -19.32 9.31
C PHE A 290 28.27 -19.12 10.62
N SER A 291 27.09 -19.73 10.73
CA SER A 291 26.30 -19.63 11.94
C SER A 291 26.48 -20.85 12.84
N THR A 292 26.81 -20.60 14.11
CA THR A 292 26.90 -21.64 15.13
C THR A 292 26.38 -21.07 16.45
N PRO A 293 26.11 -21.93 17.44
CA PRO A 293 25.78 -21.40 18.76
C PRO A 293 26.94 -20.60 19.35
N LEU A 294 26.63 -19.42 19.88
CA LEU A 294 27.65 -18.52 20.42
C LEU A 294 27.33 -18.20 21.86
N LEU A 295 28.29 -18.43 22.75
CA LEU A 295 28.20 -17.92 24.11
C LEU A 295 28.45 -16.42 24.02
N LEU A 296 27.49 -15.64 24.49
CA LEU A 296 27.59 -14.18 24.43
C LEU A 296 28.12 -13.64 25.76
N GLY A 297 28.89 -12.57 25.69
CA GLY A 297 29.48 -11.95 26.87
C GLY A 297 29.33 -10.45 26.85
N LYS A 298 30.10 -9.78 27.70
CA LYS A 298 30.03 -8.33 27.83
C LYS A 298 30.58 -7.61 26.60
N LYS A 299 31.47 -8.27 25.87
CA LYS A 299 32.05 -7.69 24.67
C LYS A 299 31.53 -8.38 23.41
N GLY A 300 30.35 -9.00 23.52
CA GLY A 300 29.70 -9.65 22.38
C GLY A 300 29.95 -11.14 22.39
N ILE A 301 30.54 -11.66 21.32
CA ILE A 301 30.89 -13.08 21.27
C ILE A 301 31.96 -13.36 22.32
N GLU A 302 31.57 -14.09 23.36
CA GLU A 302 32.50 -14.56 24.38
C GLU A 302 33.23 -15.80 23.87
N LYS A 303 32.49 -16.69 23.22
CA LYS A 303 33.04 -17.96 22.74
C LYS A 303 32.16 -18.59 21.66
N ASN A 304 32.74 -18.91 20.52
CA ASN A 304 32.05 -19.71 19.52
C ASN A 304 32.04 -21.16 19.99
N LEU A 305 30.87 -21.70 20.27
CA LEU A 305 30.75 -23.09 20.75
C LEU A 305 30.87 -24.13 19.63
N GLY A 306 30.90 -23.69 18.38
CA GLY A 306 31.13 -24.57 17.25
C GLY A 306 29.95 -25.47 16.92
N ILE A 307 30.18 -26.38 15.98
CA ILE A 307 29.13 -27.28 15.50
C ILE A 307 28.88 -28.42 16.49
N GLY A 308 29.95 -28.94 17.08
CA GLY A 308 29.85 -30.05 18.02
C GLY A 308 29.57 -31.37 17.32
N LYS A 309 29.08 -32.34 18.08
CA LYS A 309 28.80 -33.66 17.53
C LYS A 309 27.43 -33.66 16.87
N VAL A 310 27.39 -34.11 15.61
CA VAL A 310 26.17 -34.14 14.81
C VAL A 310 26.01 -35.51 14.15
N SER A 311 24.79 -35.78 13.68
CA SER A 311 24.50 -37.03 12.98
C SER A 311 25.05 -37.01 11.56
N SER A 312 24.99 -38.16 10.89
CA SER A 312 25.45 -38.29 9.50
C SER A 312 24.60 -37.47 8.55
N PHE A 313 23.28 -37.50 8.77
CA PHE A 313 22.31 -36.70 8.01
C PHE A 313 22.65 -35.21 8.11
N GLU A 314 23.03 -34.76 9.32
CA GLU A 314 23.38 -33.35 9.55
C GLU A 314 24.73 -32.99 8.93
N GLU A 315 25.70 -33.91 9.06
CA GLU A 315 27.02 -33.73 8.44
C GLU A 315 26.90 -33.56 6.92
N LYS A 316 26.06 -34.37 6.30
CA LYS A 316 25.75 -34.23 4.88
C LYS A 316 25.16 -32.85 4.55
N MET A 317 24.22 -32.38 5.36
CA MET A 317 23.64 -31.05 5.15
C MET A 317 24.70 -29.95 5.25
N ILE A 318 25.65 -30.08 6.17
CA ILE A 318 26.77 -29.14 6.27
C ILE A 318 27.62 -29.16 5.00
N SER A 319 27.94 -30.36 4.51
CA SER A 319 28.69 -30.53 3.27
C SER A 319 27.98 -29.87 2.08
N ASP A 320 26.68 -30.12 1.96
CA ASP A 320 25.87 -29.55 0.89
C ASP A 320 25.73 -28.02 0.95
N ALA A 321 25.75 -27.47 2.16
CA ALA A 321 25.56 -26.02 2.35
C ALA A 321 26.79 -25.19 1.95
N ILE A 322 27.97 -25.75 2.12
CA ILE A 322 29.23 -25.01 1.97
C ILE A 322 29.44 -24.31 0.61
N PRO A 323 29.19 -25.00 -0.51
CA PRO A 323 29.33 -24.32 -1.80
C PRO A 323 28.46 -23.06 -1.94
N GLU A 324 27.21 -23.12 -1.50
CA GLU A 324 26.32 -21.96 -1.59
C GLU A 324 26.76 -20.82 -0.68
N LEU A 325 27.17 -21.15 0.54
CA LEU A 325 27.64 -20.13 1.48
C LEU A 325 28.85 -19.39 0.92
N LYS A 326 29.82 -20.14 0.41
CA LYS A 326 31.04 -19.54 -0.14
C LYS A 326 30.77 -18.60 -1.30
N ALA A 327 29.85 -18.98 -2.18
CA ALA A 327 29.44 -18.13 -3.30
C ALA A 327 28.71 -16.87 -2.82
N SER A 328 27.82 -17.03 -1.83
CA SER A 328 27.11 -15.90 -1.24
C SER A 328 28.05 -14.96 -0.50
N ILE A 329 29.08 -15.54 0.14
CA ILE A 329 30.12 -14.76 0.80
C ILE A 329 30.96 -13.94 -0.20
N LYS A 330 31.47 -14.60 -1.23
CA LYS A 330 32.31 -13.91 -2.23
C LYS A 330 31.53 -12.80 -2.95
N LYS A 331 30.26 -13.08 -3.21
CA LYS A 331 29.36 -12.10 -3.81
C LYS A 331 29.30 -10.81 -2.99
N GLY A 332 29.13 -10.95 -1.68
CA GLY A 332 29.15 -9.80 -0.77
C GLY A 332 30.49 -9.08 -0.75
N GLU A 333 31.58 -9.85 -0.71
CA GLU A 333 32.92 -9.28 -0.74
C GLU A 333 33.20 -8.56 -2.07
N ASP A 334 32.84 -9.20 -3.19
CA ASP A 334 33.03 -8.61 -4.51
C ASP A 334 32.23 -7.32 -4.70
N PHE A 335 31.05 -7.24 -4.08
CA PHE A 335 30.24 -6.02 -4.12
C PHE A 335 31.00 -4.83 -3.53
N VAL A 336 31.59 -5.03 -2.36
CA VAL A 336 32.32 -3.96 -1.68
C VAL A 336 33.59 -3.58 -2.44
N LYS A 337 34.23 -4.56 -3.06
CA LYS A 337 35.47 -4.32 -3.81
C LYS A 337 35.25 -3.49 -5.09
N THR A 338 34.01 -3.39 -5.56
CA THR A 338 33.69 -2.62 -6.77
C THR A 338 33.08 -1.24 -6.47
N LEU A 339 33.28 -0.73 -5.26
CA LEU A 339 32.78 0.59 -4.89
C LEU A 339 33.84 1.65 -5.15
N ASN B 26 -5.76 -19.67 30.11
CA ASN B 26 -5.71 -20.20 28.72
C ASN B 26 -6.91 -19.71 27.89
N ALA B 27 -6.99 -18.40 27.71
CA ALA B 27 -8.10 -17.79 26.97
C ALA B 27 -7.98 -18.03 25.46
N LYS B 28 -9.11 -18.22 24.80
CA LYS B 28 -9.17 -18.15 23.35
C LYS B 28 -9.58 -16.73 22.99
N VAL B 29 -8.72 -16.02 22.26
CA VAL B 29 -8.93 -14.63 21.94
C VAL B 29 -9.06 -14.44 20.43
N ALA B 30 -10.13 -13.76 20.01
CA ALA B 30 -10.33 -13.41 18.62
C ALA B 30 -9.97 -11.94 18.40
N VAL B 31 -9.31 -11.67 17.29
CA VAL B 31 -9.00 -10.30 16.88
C VAL B 31 -9.70 -10.03 15.55
N LEU B 32 -10.69 -9.13 15.58
CA LEU B 32 -11.45 -8.78 14.38
C LEU B 32 -10.86 -7.50 13.80
N GLY B 33 -10.29 -7.60 12.61
CA GLY B 33 -9.49 -6.52 12.03
C GLY B 33 -8.02 -6.77 12.29
N ALA B 34 -7.59 -8.02 12.18
CA ALA B 34 -6.23 -8.41 12.54
C ALA B 34 -5.15 -8.00 11.53
N SER B 35 -5.54 -7.59 10.32
CA SER B 35 -4.57 -7.21 9.28
C SER B 35 -4.25 -5.71 9.24
N GLY B 36 -5.04 -4.91 9.96
CA GLY B 36 -4.81 -3.45 10.01
C GLY B 36 -3.58 -3.03 10.78
N GLY B 37 -3.38 -1.71 10.85
CA GLY B 37 -2.23 -1.13 11.53
C GLY B 37 -2.22 -1.39 13.04
N ILE B 38 -3.40 -1.39 13.64
CA ILE B 38 -3.52 -1.72 15.06
C ILE B 38 -3.47 -3.23 15.21
N GLY B 39 -4.22 -3.92 14.37
CA GLY B 39 -4.46 -5.35 14.51
C GLY B 39 -3.25 -6.26 14.44
N GLN B 40 -2.30 -5.95 13.56
CA GLN B 40 -1.12 -6.81 13.39
C GLN B 40 -0.21 -6.81 14.63
N PRO B 41 0.24 -5.62 15.10
CA PRO B 41 1.04 -5.59 16.33
C PRO B 41 0.26 -5.99 17.60
N LEU B 42 -1.06 -5.74 17.63
CA LEU B 42 -1.91 -6.25 18.71
C LEU B 42 -1.85 -7.77 18.74
N SER B 43 -2.07 -8.38 17.57
CA SER B 43 -2.02 -9.83 17.42
C SER B 43 -0.66 -10.41 17.82
N LEU B 44 0.42 -9.69 17.48
CA LEU B 44 1.78 -10.06 17.89
C LEU B 44 1.90 -10.11 19.41
N LEU B 45 1.45 -9.05 20.08
CA LEU B 45 1.56 -8.99 21.54
C LEU B 45 0.72 -10.06 22.24
N LEU B 46 -0.45 -10.38 21.67
CA LEU B 46 -1.30 -11.43 22.21
C LEU B 46 -0.65 -12.81 22.02
N LYS B 47 -0.06 -13.01 20.85
CA LYS B 47 0.65 -14.25 20.52
C LYS B 47 1.82 -14.47 21.48
N ASN B 48 2.48 -13.40 21.89
CA ASN B 48 3.63 -13.50 22.80
C ASN B 48 3.27 -13.81 24.27
N SER B 49 1.99 -13.67 24.63
CA SER B 49 1.55 -13.80 26.02
C SER B 49 1.24 -15.25 26.42
N PRO B 50 1.67 -15.67 27.62
CA PRO B 50 1.32 -17.00 28.12
C PRO B 50 -0.13 -17.09 28.63
N LEU B 51 -0.83 -15.97 28.66
CA LEU B 51 -2.24 -15.94 29.02
C LEU B 51 -3.14 -16.41 27.87
N VAL B 52 -2.59 -16.52 26.66
CA VAL B 52 -3.37 -16.88 25.47
C VAL B 52 -2.97 -18.25 24.93
N SER B 53 -3.94 -19.17 24.91
CA SER B 53 -3.69 -20.52 24.38
C SER B 53 -4.19 -20.68 22.93
N ARG B 54 -5.16 -19.85 22.53
CA ARG B 54 -5.72 -19.92 21.18
C ARG B 54 -6.00 -18.50 20.67
N LEU B 55 -5.50 -18.19 19.47
CA LEU B 55 -5.62 -16.84 18.89
C LEU B 55 -6.21 -16.94 17.48
N THR B 56 -7.41 -16.40 17.29
CA THR B 56 -8.05 -16.43 15.98
C THR B 56 -8.09 -15.03 15.41
N LEU B 57 -7.73 -14.92 14.13
CA LEU B 57 -7.53 -13.63 13.49
C LEU B 57 -8.48 -13.50 12.32
N TYR B 58 -9.25 -12.41 12.31
CA TYR B 58 -10.20 -12.16 11.23
C TYR B 58 -9.94 -10.85 10.51
N ASP B 59 -10.06 -10.90 9.19
CA ASP B 59 -10.13 -9.70 8.38
C ASP B 59 -10.68 -10.02 6.99
N ILE B 60 -10.82 -8.99 6.17
CA ILE B 60 -11.31 -9.16 4.81
C ILE B 60 -10.16 -9.33 3.81
N ALA B 61 -8.93 -9.08 4.28
CA ALA B 61 -7.74 -9.30 3.46
C ALA B 61 -6.53 -9.58 4.33
N HIS B 62 -5.56 -10.31 3.77
CA HIS B 62 -4.23 -10.55 4.37
C HIS B 62 -4.15 -11.46 5.60
N THR B 63 -5.29 -11.95 6.11
CA THR B 63 -5.28 -12.72 7.36
C THR B 63 -4.46 -14.01 7.31
N PRO B 64 -4.53 -14.76 6.19
CA PRO B 64 -3.76 -16.00 6.12
C PRO B 64 -2.26 -15.76 6.26
N GLY B 65 -1.77 -14.70 5.62
CA GLY B 65 -0.37 -14.33 5.71
C GLY B 65 0.04 -13.87 7.10
N VAL B 66 -0.83 -13.09 7.75
CA VAL B 66 -0.55 -12.60 9.09
C VAL B 66 -0.51 -13.75 10.08
N ALA B 67 -1.43 -14.70 9.95
CA ALA B 67 -1.48 -15.86 10.84
C ALA B 67 -0.30 -16.81 10.62
N ALA B 68 0.06 -17.03 9.35
CA ALA B 68 1.21 -17.86 9.01
C ALA B 68 2.48 -17.30 9.67
N ASP B 69 2.63 -15.97 9.52
CA ASP B 69 3.74 -15.22 10.11
C ASP B 69 3.80 -15.46 11.61
N LEU B 70 2.69 -15.16 12.29
CA LEU B 70 2.62 -15.26 13.75
C LEU B 70 2.71 -16.69 14.29
N SER B 71 2.34 -17.68 13.48
CA SER B 71 2.32 -19.08 13.93
C SER B 71 3.71 -19.69 14.09
N HIS B 72 4.71 -19.03 13.50
CA HIS B 72 6.11 -19.46 13.65
C HIS B 72 6.74 -19.05 14.98
N ILE B 73 6.08 -18.17 15.73
CA ILE B 73 6.62 -17.69 17.00
C ILE B 73 6.52 -18.77 18.07
N GLU B 74 7.59 -18.88 18.87
CA GLU B 74 7.80 -19.97 19.82
C GLU B 74 7.02 -19.83 21.15
N THR B 75 5.73 -19.55 21.06
CA THR B 75 4.87 -19.51 22.24
C THR B 75 3.73 -20.50 22.06
N LYS B 76 2.98 -20.75 23.11
CA LYS B 76 2.01 -21.85 23.10
C LYS B 76 0.73 -21.55 22.32
N ALA B 77 0.39 -20.27 22.17
CA ALA B 77 -0.85 -19.88 21.50
C ALA B 77 -0.95 -20.45 20.09
N ALA B 78 -2.00 -21.22 19.82
CA ALA B 78 -2.29 -21.72 18.47
C ALA B 78 -2.94 -20.58 17.68
N VAL B 79 -2.36 -20.25 16.53
CA VAL B 79 -2.82 -19.15 15.70
C VAL B 79 -3.54 -19.68 14.48
N LYS B 80 -4.66 -19.06 14.12
CA LYS B 80 -5.40 -19.39 12.90
C LYS B 80 -5.97 -18.12 12.27
N GLY B 81 -5.79 -17.98 10.96
CA GLY B 81 -6.27 -16.81 10.22
C GLY B 81 -7.55 -17.15 9.47
N TYR B 82 -8.50 -16.22 9.48
CA TYR B 82 -9.79 -16.40 8.83
C TYR B 82 -10.04 -15.21 7.90
N LEU B 83 -10.56 -15.50 6.70
CA LEU B 83 -10.66 -14.52 5.65
C LEU B 83 -12.09 -14.42 5.13
N GLY B 84 -12.71 -13.25 5.27
CA GLY B 84 -14.03 -12.98 4.74
C GLY B 84 -15.18 -13.51 5.59
N PRO B 85 -16.38 -12.92 5.44
CA PRO B 85 -17.57 -13.26 6.25
C PRO B 85 -17.89 -14.75 6.35
N GLU B 86 -17.64 -15.51 5.30
CA GLU B 86 -17.91 -16.95 5.30
C GLU B 86 -17.12 -17.71 6.39
N GLN B 87 -15.96 -17.18 6.76
CA GLN B 87 -15.10 -17.81 7.76
C GLN B 87 -15.19 -17.12 9.13
N LEU B 88 -16.04 -16.10 9.24
CA LEU B 88 -16.17 -15.32 10.47
C LEU B 88 -16.75 -16.13 11.63
N PRO B 89 -17.79 -16.96 11.38
CA PRO B 89 -18.33 -17.80 12.45
C PRO B 89 -17.33 -18.79 13.04
N ASP B 90 -16.50 -19.39 12.19
CA ASP B 90 -15.49 -20.35 12.63
C ASP B 90 -14.44 -19.66 13.51
N CYS B 91 -14.12 -18.42 13.17
CA CYS B 91 -13.17 -17.60 13.93
C CYS B 91 -13.65 -17.33 15.36
N LEU B 92 -14.95 -17.10 15.50
CA LEU B 92 -15.53 -16.71 16.78
C LEU B 92 -15.90 -17.89 17.69
N LYS B 93 -16.04 -19.07 17.11
CA LYS B 93 -16.50 -20.25 17.86
C LYS B 93 -15.68 -20.49 19.13
N GLY B 94 -16.35 -20.47 20.28
CA GLY B 94 -15.72 -20.80 21.56
C GLY B 94 -14.78 -19.75 22.11
N CYS B 95 -14.86 -18.52 21.61
CA CYS B 95 -13.98 -17.46 22.07
C CYS B 95 -14.37 -16.98 23.46
N ASP B 96 -13.36 -16.68 24.27
CA ASP B 96 -13.56 -16.10 25.59
C ASP B 96 -13.51 -14.58 25.52
N VAL B 97 -12.70 -14.06 24.61
CA VAL B 97 -12.55 -12.62 24.43
C VAL B 97 -12.50 -12.30 22.94
N VAL B 98 -13.17 -11.24 22.54
CA VAL B 98 -13.08 -10.73 21.19
C VAL B 98 -12.60 -9.30 21.32
N VAL B 99 -11.47 -8.98 20.69
CA VAL B 99 -10.96 -7.63 20.60
C VAL B 99 -11.21 -7.12 19.20
N ILE B 100 -11.72 -5.89 19.09
CA ILE B 100 -12.14 -5.33 17.80
C ILE B 100 -11.36 -4.06 17.48
N PRO B 101 -10.12 -4.20 16.97
CA PRO B 101 -9.36 -3.06 16.49
C PRO B 101 -9.80 -2.59 15.09
N ALA B 102 -10.62 -3.38 14.40
CA ALA B 102 -11.10 -3.01 13.07
C ALA B 102 -11.62 -1.58 13.06
N GLY B 103 -11.42 -0.88 11.96
CA GLY B 103 -11.88 0.49 11.84
C GLY B 103 -10.96 1.35 11.02
N VAL B 104 -11.54 2.36 10.37
CA VAL B 104 -10.79 3.31 9.56
C VAL B 104 -10.16 4.33 10.49
N PRO B 105 -8.87 4.65 10.27
CA PRO B 105 -8.19 5.62 11.14
C PRO B 105 -8.29 7.04 10.59
N ARG B 106 -8.14 8.03 11.48
CA ARG B 106 -8.14 9.43 11.10
C ARG B 106 -6.92 9.81 10.27
N LYS B 107 -7.11 10.83 9.42
CA LYS B 107 -6.04 11.53 8.73
C LYS B 107 -6.04 12.96 9.27
N PRO B 108 -4.97 13.73 8.99
CA PRO B 108 -4.97 15.13 9.42
C PRO B 108 -6.22 15.89 8.99
N GLY B 109 -6.80 16.65 9.90
CA GLY B 109 -8.01 17.42 9.63
C GLY B 109 -9.31 16.71 10.00
N MET B 110 -9.29 15.38 10.03
CA MET B 110 -10.48 14.61 10.36
C MET B 110 -10.80 14.63 11.85
N THR B 111 -12.09 14.56 12.16
CA THR B 111 -12.55 14.31 13.52
C THR B 111 -12.85 12.82 13.59
N ARG B 112 -13.00 12.30 14.81
CA ARG B 112 -13.37 10.90 14.98
C ARG B 112 -14.78 10.63 14.44
N ASP B 113 -15.66 11.63 14.50
CA ASP B 113 -17.03 11.47 13.98
C ASP B 113 -17.10 11.38 12.45
N ASP B 114 -16.13 11.95 11.74
CA ASP B 114 -16.03 11.77 10.29
C ASP B 114 -15.99 10.29 9.93
N LEU B 115 -15.47 9.47 10.85
CA LEU B 115 -15.38 8.03 10.68
C LEU B 115 -16.54 7.29 11.33
N PHE B 116 -17.55 8.01 11.80
CA PHE B 116 -18.69 7.38 12.46
C PHE B 116 -19.38 6.42 11.51
N ASN B 117 -19.70 6.92 10.32
CA ASN B 117 -20.45 6.12 9.35
C ASN B 117 -19.75 4.80 9.00
N THR B 118 -18.45 4.82 8.70
CA THR B 118 -17.73 3.58 8.35
C THR B 118 -17.65 2.62 9.54
N ASN B 119 -17.15 3.14 10.65
CA ASN B 119 -16.84 2.30 11.80
C ASN B 119 -18.08 1.86 12.55
N ALA B 120 -19.14 2.69 12.54
CA ALA B 120 -20.44 2.28 13.07
C ALA B 120 -20.96 1.04 12.33
N THR B 121 -20.85 1.00 11.01
CA THR B 121 -21.34 -0.19 10.27
C THR B 121 -20.35 -1.36 10.35
N ILE B 122 -19.06 -1.08 10.54
CA ILE B 122 -18.08 -2.13 10.82
C ILE B 122 -18.39 -2.78 12.17
N VAL B 123 -18.57 -1.97 13.19
CA VAL B 123 -18.82 -2.48 14.53
C VAL B 123 -20.15 -3.24 14.58
N ALA B 124 -21.18 -2.69 13.92
CA ALA B 124 -22.50 -3.34 13.87
C ALA B 124 -22.47 -4.72 13.23
N THR B 125 -21.72 -4.86 12.14
CA THR B 125 -21.59 -6.14 11.44
C THR B 125 -20.85 -7.16 12.30
N LEU B 126 -19.72 -6.75 12.87
CA LEU B 126 -18.86 -7.66 13.62
C LEU B 126 -19.45 -8.09 14.97
N THR B 127 -20.06 -7.15 15.69
CA THR B 127 -20.67 -7.48 16.99
C THR B 127 -21.93 -8.33 16.84
N ALA B 128 -22.64 -8.16 15.72
CA ALA B 128 -23.79 -8.99 15.39
C ALA B 128 -23.35 -10.45 15.23
N ALA B 129 -22.19 -10.66 14.61
CA ALA B 129 -21.60 -12.00 14.49
C ALA B 129 -21.15 -12.56 15.84
N CYS B 130 -20.65 -11.69 16.72
CA CYS B 130 -20.30 -12.10 18.08
C CYS B 130 -21.56 -12.53 18.86
N ALA B 131 -22.61 -11.72 18.77
CA ALA B 131 -23.89 -12.04 19.42
C ALA B 131 -24.44 -13.40 19.01
N GLN B 132 -24.24 -13.77 17.74
CA GLN B 132 -24.74 -15.04 17.20
C GLN B 132 -23.82 -16.23 17.44
N HIS B 133 -22.51 -16.00 17.50
CA HIS B 133 -21.55 -17.11 17.52
C HIS B 133 -20.70 -17.23 18.79
N CYS B 134 -20.54 -16.15 19.54
CA CYS B 134 -19.88 -16.21 20.84
C CYS B 134 -20.50 -15.18 21.79
N PRO B 135 -21.81 -15.32 22.06
CA PRO B 135 -22.55 -14.34 22.88
C PRO B 135 -22.04 -14.20 24.31
N GLU B 136 -21.40 -15.24 24.85
CA GLU B 136 -20.87 -15.19 26.22
C GLU B 136 -19.43 -14.64 26.31
N ALA B 137 -18.84 -14.25 25.20
CA ALA B 137 -17.46 -13.75 25.19
C ALA B 137 -17.37 -12.31 25.66
N MET B 138 -16.22 -11.95 26.21
CA MET B 138 -15.93 -10.56 26.52
C MET B 138 -15.71 -9.82 25.20
N ILE B 139 -16.33 -8.66 25.05
CA ILE B 139 -16.25 -7.89 23.83
C ILE B 139 -15.49 -6.58 24.09
N CYS B 140 -14.31 -6.46 23.51
CA CYS B 140 -13.44 -5.31 23.72
C CYS B 140 -13.33 -4.49 22.44
N VAL B 141 -14.00 -3.34 22.42
CA VAL B 141 -14.07 -2.51 21.24
C VAL B 141 -13.04 -1.39 21.29
N ILE B 142 -12.12 -1.42 20.34
CA ILE B 142 -11.14 -0.35 20.12
C ILE B 142 -11.68 0.58 19.03
N ALA B 143 -12.43 0.03 18.08
CA ALA B 143 -12.99 0.81 16.96
C ALA B 143 -13.62 2.11 17.41
N ASN B 144 -13.18 3.23 16.83
CA ASN B 144 -13.65 4.56 17.20
C ASN B 144 -14.79 5.07 16.29
N PRO B 145 -15.52 6.11 16.75
CA PRO B 145 -15.42 6.73 18.08
C PRO B 145 -16.08 5.86 19.14
N VAL B 146 -15.31 5.47 20.15
CA VAL B 146 -15.79 4.55 21.21
C VAL B 146 -17.08 5.04 21.89
N ASN B 147 -17.22 6.35 22.05
CA ASN B 147 -18.40 6.94 22.68
C ASN B 147 -19.72 6.57 22.00
N SER B 148 -19.66 6.22 20.72
CA SER B 148 -20.82 5.77 19.97
C SER B 148 -20.83 4.26 19.71
N THR B 149 -19.65 3.67 19.46
CA THR B 149 -19.58 2.26 19.05
C THR B 149 -19.92 1.29 20.17
N ILE B 150 -19.78 1.73 21.42
CA ILE B 150 -20.20 0.90 22.55
C ILE B 150 -21.71 0.84 22.64
N PRO B 151 -22.39 2.01 22.59
CA PRO B 151 -23.85 1.97 22.47
C PRO B 151 -24.32 1.07 21.32
N ILE B 152 -23.68 1.17 20.17
CA ILE B 152 -24.00 0.31 19.03
C ILE B 152 -23.86 -1.17 19.40
N THR B 153 -22.76 -1.50 20.07
CA THR B 153 -22.51 -2.90 20.45
C THR B 153 -23.59 -3.43 21.40
N ALA B 154 -23.97 -2.60 22.37
CA ALA B 154 -24.98 -2.99 23.37
C ALA B 154 -26.35 -3.22 22.72
N GLU B 155 -26.75 -2.30 21.86
CA GLU B 155 -28.04 -2.42 21.16
C GLU B 155 -28.08 -3.63 20.23
N VAL B 156 -26.97 -3.89 19.53
CA VAL B 156 -26.86 -5.05 18.66
C VAL B 156 -26.99 -6.34 19.47
N PHE B 157 -26.37 -6.37 20.64
CA PHE B 157 -26.48 -7.53 21.54
C PHE B 157 -27.87 -7.65 22.16
N LYS B 158 -28.52 -6.51 22.41
CA LYS B 158 -29.91 -6.48 22.89
C LYS B 158 -30.86 -7.06 21.84
N LYS B 159 -30.68 -6.64 20.58
CA LYS B 159 -31.47 -7.18 19.45
C LYS B 159 -31.44 -8.70 19.40
N HIS B 160 -30.28 -9.28 19.70
CA HIS B 160 -30.10 -10.74 19.67
C HIS B 160 -30.49 -11.41 20.99
N GLY B 161 -30.89 -10.62 21.99
CA GLY B 161 -31.35 -11.15 23.28
C GLY B 161 -30.26 -11.80 24.13
N VAL B 162 -29.01 -11.39 23.94
CA VAL B 162 -27.89 -11.96 24.69
C VAL B 162 -27.06 -10.84 25.35
N TYR B 163 -27.73 -9.74 25.67
CA TYR B 163 -27.05 -8.57 26.21
C TYR B 163 -26.59 -8.77 27.65
N ASN B 164 -25.27 -8.75 27.85
CA ASN B 164 -24.68 -8.74 29.18
C ASN B 164 -23.76 -7.51 29.30
N PRO B 165 -24.23 -6.46 30.01
CA PRO B 165 -23.45 -5.22 30.16
C PRO B 165 -22.14 -5.36 30.95
N ASN B 166 -21.97 -6.48 31.65
CA ASN B 166 -20.72 -6.76 32.37
C ASN B 166 -19.57 -7.25 31.48
N LYS B 167 -19.86 -7.54 30.20
CA LYS B 167 -18.86 -8.12 29.29
C LYS B 167 -18.55 -7.23 28.08
N ILE B 168 -19.08 -6.01 28.05
CA ILE B 168 -18.87 -5.11 26.93
C ILE B 168 -18.02 -3.91 27.35
N PHE B 169 -16.85 -3.76 26.71
CA PHE B 169 -15.85 -2.78 27.13
C PHE B 169 -15.39 -1.90 25.98
N GLY B 170 -15.53 -0.59 26.15
CA GLY B 170 -14.89 0.40 25.29
C GLY B 170 -13.46 0.61 25.76
N VAL B 171 -12.50 0.27 24.91
CA VAL B 171 -11.09 0.32 25.29
C VAL B 171 -10.60 1.78 25.26
N THR B 172 -10.47 2.38 26.44
CA THR B 172 -9.97 3.74 26.62
C THR B 172 -8.57 3.72 27.23
N THR B 173 -7.99 2.52 27.33
CA THR B 173 -6.74 2.30 28.04
C THR B 173 -5.60 3.18 27.53
N LEU B 174 -5.57 3.49 26.24
CA LEU B 174 -4.53 4.36 25.69
C LEU B 174 -4.49 5.74 26.36
N ASP B 175 -5.67 6.25 26.75
CA ASP B 175 -5.75 7.53 27.48
C ASP B 175 -5.04 7.47 28.81
N ILE B 176 -5.21 6.36 29.52
CA ILE B 176 -4.56 6.14 30.81
C ILE B 176 -3.05 6.02 30.60
N VAL B 177 -2.68 5.23 29.59
CA VAL B 177 -1.27 5.01 29.26
C VAL B 177 -0.57 6.35 28.93
N ARG B 178 -1.23 7.18 28.12
CA ARG B 178 -0.71 8.51 27.78
C ARG B 178 -0.52 9.39 29.01
N ALA B 179 -1.55 9.45 29.85
CA ALA B 179 -1.55 10.29 31.04
C ALA B 179 -0.41 9.88 31.99
N ASN B 180 -0.19 8.58 32.13
CA ASN B 180 0.91 8.07 32.94
C ASN B 180 2.27 8.51 32.40
N THR B 181 2.44 8.41 31.09
CA THR B 181 3.68 8.80 30.44
C THR B 181 3.96 10.29 30.60
N PHE B 182 2.96 11.13 30.30
CA PHE B 182 3.15 12.59 30.35
C PHE B 182 3.37 13.09 31.78
N VAL B 183 2.67 12.51 32.74
CA VAL B 183 2.89 12.84 34.15
C VAL B 183 4.30 12.43 34.57
N ALA B 184 4.70 11.21 34.22
CA ALA B 184 6.03 10.70 34.58
C ALA B 184 7.15 11.56 33.97
N GLU B 185 6.99 11.96 32.72
CA GLU B 185 7.97 12.79 32.03
C GLU B 185 8.14 14.16 32.69
N LEU B 186 7.02 14.78 33.09
CA LEU B 186 7.07 16.08 33.76
C LEU B 186 7.68 16.01 35.16
N LYS B 187 7.48 14.89 35.85
CA LYS B 187 7.99 14.71 37.21
C LYS B 187 9.28 13.88 37.28
N GLY B 188 9.78 13.42 36.15
CA GLY B 188 10.99 12.61 36.10
C GLY B 188 10.85 11.29 36.82
N LEU B 189 9.65 10.69 36.73
CA LEU B 189 9.38 9.39 37.34
C LEU B 189 9.47 8.28 36.29
N ASP B 190 9.52 7.04 36.77
CA ASP B 190 9.41 5.87 35.90
C ASP B 190 7.91 5.67 35.60
N PRO B 191 7.52 5.75 34.30
CA PRO B 191 6.11 5.61 33.92
C PRO B 191 5.41 4.35 34.47
N ALA B 192 6.18 3.27 34.62
CA ALA B 192 5.66 2.01 35.14
C ALA B 192 5.09 2.11 36.55
N ARG B 193 5.54 3.10 37.33
CA ARG B 193 5.06 3.30 38.69
C ARG B 193 3.97 4.37 38.80
N VAL B 194 3.55 4.93 37.67
CA VAL B 194 2.53 5.98 37.65
C VAL B 194 1.20 5.40 37.20
N ASN B 195 0.14 5.73 37.94
CA ASN B 195 -1.22 5.37 37.57
C ASN B 195 -2.12 6.60 37.66
N VAL B 196 -2.71 6.97 36.54
CA VAL B 196 -3.63 8.10 36.47
C VAL B 196 -5.00 7.60 36.02
N PRO B 197 -5.99 7.64 36.93
CA PRO B 197 -7.36 7.38 36.49
C PRO B 197 -7.81 8.42 35.46
N VAL B 198 -8.35 7.94 34.33
CA VAL B 198 -8.97 8.80 33.34
C VAL B 198 -10.40 8.33 33.17
N ILE B 199 -11.34 9.25 33.28
CA ILE B 199 -12.77 8.92 33.27
C ILE B 199 -13.46 9.67 32.12
N GLY B 200 -14.75 9.41 31.96
CA GLY B 200 -15.56 10.08 30.94
C GLY B 200 -15.71 9.27 29.67
N GLY B 201 -15.08 9.74 28.59
CA GLY B 201 -15.13 9.08 27.29
C GLY B 201 -13.79 9.11 26.58
N HIS B 202 -13.80 8.69 25.31
CA HIS B 202 -12.58 8.62 24.49
C HIS B 202 -12.69 9.56 23.28
N ALA B 203 -12.80 10.86 23.57
CA ALA B 203 -12.84 11.88 22.53
C ALA B 203 -12.71 13.27 23.12
N GLY B 204 -11.67 13.99 22.72
CA GLY B 204 -11.48 15.39 23.06
C GLY B 204 -11.67 15.71 24.54
N LYS B 205 -12.66 16.56 24.81
CA LYS B 205 -12.87 17.07 26.17
C LYS B 205 -13.67 16.12 27.05
N THR B 206 -14.13 14.99 26.49
CA THR B 206 -14.73 13.93 27.31
C THR B 206 -13.66 13.09 28.01
N ILE B 207 -12.40 13.23 27.60
CA ILE B 207 -11.28 12.55 28.24
C ILE B 207 -10.88 13.36 29.48
N ILE B 208 -11.10 12.79 30.66
CA ILE B 208 -10.92 13.52 31.91
C ILE B 208 -9.89 12.85 32.82
N PRO B 209 -8.64 13.33 32.81
CA PRO B 209 -7.61 12.75 33.66
C PRO B 209 -7.72 13.24 35.10
N LEU B 210 -8.01 12.32 36.01
CA LEU B 210 -8.13 12.66 37.44
C LEU B 210 -6.75 12.71 38.07
N ILE B 211 -6.03 13.80 37.82
CA ILE B 211 -4.67 13.99 38.33
C ILE B 211 -4.64 14.06 39.86
N SER B 212 -5.75 14.48 40.47
CA SER B 212 -5.85 14.50 41.93
C SER B 212 -5.82 13.10 42.54
N GLN B 213 -6.24 12.10 41.76
CA GLN B 213 -6.23 10.71 42.20
C GLN B 213 -4.98 9.95 41.72
N CYS B 214 -3.98 10.67 41.21
CA CYS B 214 -2.79 10.04 40.66
C CYS B 214 -1.96 9.41 41.78
N THR B 215 -1.39 8.23 41.50
CA THR B 215 -0.43 7.59 42.41
C THR B 215 0.89 7.38 41.64
N PRO B 216 2.00 7.89 42.19
CA PRO B 216 2.14 8.66 43.42
C PRO B 216 1.53 10.05 43.28
N LYS B 217 1.26 10.70 44.42
CA LYS B 217 0.65 12.02 44.44
C LYS B 217 1.60 13.03 43.80
N VAL B 218 1.04 13.90 42.97
CA VAL B 218 1.83 14.90 42.24
C VAL B 218 1.13 16.25 42.32
N ASP B 219 1.91 17.33 42.38
CA ASP B 219 1.36 18.67 42.45
C ASP B 219 1.80 19.45 41.22
N PHE B 220 0.83 20.07 40.55
CA PHE B 220 1.09 20.94 39.41
C PHE B 220 0.42 22.29 39.65
N PRO B 221 1.09 23.39 39.27
CA PRO B 221 0.40 24.67 39.11
C PRO B 221 -0.71 24.58 38.07
N GLN B 222 -1.79 25.34 38.27
CA GLN B 222 -2.99 25.23 37.41
C GLN B 222 -2.71 25.41 35.92
N ASP B 223 -1.75 26.27 35.58
CA ASP B 223 -1.40 26.48 34.16
C ASP B 223 -0.73 25.24 33.57
N GLN B 224 0.15 24.59 34.35
CA GLN B 224 0.77 23.33 33.94
C GLN B 224 -0.27 22.22 33.89
N LEU B 225 -1.09 22.13 34.94
CA LEU B 225 -2.15 21.13 35.02
C LEU B 225 -3.09 21.24 33.83
N THR B 226 -3.44 22.48 33.47
CA THR B 226 -4.29 22.74 32.30
C THR B 226 -3.59 22.32 31.01
N ALA B 227 -2.29 22.61 30.90
CA ALA B 227 -1.51 22.23 29.72
C ALA B 227 -1.38 20.71 29.64
N LEU B 228 -1.03 20.09 30.77
CA LEU B 228 -0.97 18.63 30.90
C LEU B 228 -2.32 17.98 30.53
N THR B 229 -3.41 18.59 30.99
CA THR B 229 -4.75 18.03 30.74
C THR B 229 -5.12 18.12 29.26
N GLY B 230 -4.89 19.28 28.65
CA GLY B 230 -5.12 19.46 27.21
C GLY B 230 -4.22 18.61 26.34
N ARG B 231 -3.01 18.34 26.80
CA ARG B 231 -2.08 17.45 26.10
C ARG B 231 -2.65 16.04 26.00
N ILE B 232 -3.16 15.54 27.13
CA ILE B 232 -3.77 14.21 27.20
C ILE B 232 -5.01 14.14 26.29
N GLN B 233 -5.83 15.18 26.35
CA GLN B 233 -7.07 15.21 25.58
C GLN B 233 -6.84 15.19 24.06
N GLU B 234 -5.78 15.86 23.60
CA GLU B 234 -5.49 15.98 22.17
C GLU B 234 -4.33 15.10 21.72
N ALA B 235 -3.99 14.09 22.51
CA ALA B 235 -2.79 13.29 22.26
C ALA B 235 -2.91 12.44 20.99
N GLY B 236 -4.10 11.90 20.75
CA GLY B 236 -4.39 11.21 19.48
C GLY B 236 -4.23 12.09 18.25
N THR B 237 -4.64 13.35 18.35
CA THR B 237 -4.52 14.31 17.26
C THR B 237 -3.05 14.64 17.00
N GLU B 238 -2.28 14.76 18.08
CA GLU B 238 -0.83 14.96 18.01
C GLU B 238 -0.16 13.88 17.16
N VAL B 239 -0.54 12.62 17.39
CA VAL B 239 0.01 11.49 16.63
C VAL B 239 -0.45 11.50 15.17
N VAL B 240 -1.73 11.79 14.94
CA VAL B 240 -2.25 11.93 13.57
C VAL B 240 -1.49 13.02 12.81
N LYS B 241 -1.24 14.15 13.46
CA LYS B 241 -0.44 15.22 12.87
C LYS B 241 0.97 14.72 12.53
N ALA B 242 1.62 14.08 13.50
CA ALA B 242 2.98 13.58 13.32
C ALA B 242 3.10 12.58 12.17
N LYS B 243 2.07 11.77 11.96
CA LYS B 243 2.05 10.79 10.86
C LYS B 243 1.70 11.40 9.51
N ALA B 244 1.20 12.63 9.51
CA ALA B 244 1.03 13.44 8.31
C ALA B 244 0.36 12.70 7.15
N GLY B 245 -0.74 12.00 7.46
CA GLY B 245 -1.52 11.30 6.44
C GLY B 245 -1.39 9.80 6.49
N ALA B 246 -0.39 9.29 7.21
CA ALA B 246 -0.19 7.84 7.30
C ALA B 246 -1.00 7.22 8.45
N GLY B 247 -2.03 7.91 8.92
CA GLY B 247 -2.98 7.32 9.87
C GLY B 247 -2.84 7.82 11.30
N SER B 248 -3.34 7.03 12.23
CA SER B 248 -3.36 7.39 13.65
C SER B 248 -2.57 6.36 14.45
N ALA B 249 -2.57 6.53 15.77
CA ALA B 249 -1.86 5.65 16.68
C ALA B 249 -2.15 4.18 16.38
N THR B 250 -1.09 3.42 16.16
CA THR B 250 -1.18 2.00 15.87
C THR B 250 -0.44 1.19 16.94
N LEU B 251 0.83 1.51 17.15
CA LEU B 251 1.71 0.73 18.01
C LEU B 251 1.38 0.93 19.49
N SER B 252 1.19 2.19 19.91
CA SER B 252 0.79 2.50 21.29
C SER B 252 -0.63 2.00 21.58
N MET B 253 -1.49 1.99 20.56
CA MET B 253 -2.85 1.46 20.69
C MET B 253 -2.82 -0.05 20.85
N ALA B 254 -1.92 -0.71 20.12
CA ALA B 254 -1.73 -2.15 20.28
C ALA B 254 -1.26 -2.46 21.69
N TYR B 255 -0.33 -1.67 22.21
CA TYR B 255 0.11 -1.83 23.59
C TYR B 255 -1.06 -1.69 24.58
N ALA B 256 -1.91 -0.69 24.37
CA ALA B 256 -3.02 -0.41 25.28
C ALA B 256 -4.11 -1.48 25.22
N GLY B 257 -4.45 -1.92 24.01
CA GLY B 257 -5.38 -3.03 23.81
C GLY B 257 -4.88 -4.33 24.44
N ALA B 258 -3.60 -4.62 24.23
CA ALA B 258 -2.99 -5.80 24.84
C ALA B 258 -3.07 -5.71 26.36
N ARG B 259 -2.74 -4.54 26.91
CA ARG B 259 -2.79 -4.34 28.36
C ARG B 259 -4.21 -4.58 28.90
N PHE B 260 -5.23 -4.05 28.22
CA PHE B 260 -6.60 -4.26 28.68
C PHE B 260 -7.01 -5.72 28.61
N VAL B 261 -6.67 -6.38 27.51
CA VAL B 261 -7.00 -7.79 27.32
C VAL B 261 -6.30 -8.64 28.40
N PHE B 262 -5.01 -8.39 28.62
CA PHE B 262 -4.27 -9.09 29.67
C PHE B 262 -4.87 -8.89 31.06
N SER B 263 -5.24 -7.66 31.40
CA SER B 263 -5.87 -7.36 32.69
C SER B 263 -7.16 -8.17 32.87
N LEU B 264 -7.96 -8.16 31.80
CA LEU B 264 -9.24 -8.85 31.78
C LEU B 264 -9.08 -10.36 31.89
N VAL B 265 -8.14 -10.92 31.13
CA VAL B 265 -7.88 -12.36 31.15
C VAL B 265 -7.33 -12.83 32.50
N ASP B 266 -6.38 -12.08 33.05
CA ASP B 266 -5.88 -12.34 34.41
C ASP B 266 -7.04 -12.41 35.42
N ALA B 267 -7.94 -11.44 35.31
CA ALA B 267 -9.09 -11.34 36.20
C ALA B 267 -10.06 -12.52 35.99
N MET B 268 -10.24 -12.92 34.73
CA MET B 268 -11.06 -14.09 34.40
C MET B 268 -10.43 -15.38 34.96
N ASN B 269 -9.11 -15.40 35.07
CA ASN B 269 -8.38 -16.52 35.71
C ASN B 269 -8.37 -16.46 37.23
N GLY B 270 -9.03 -15.46 37.82
CA GLY B 270 -9.18 -15.37 39.27
C GLY B 270 -8.23 -14.43 39.99
N LYS B 271 -7.39 -13.70 39.25
CA LYS B 271 -6.53 -12.70 39.87
C LYS B 271 -7.38 -11.60 40.51
N GLU B 272 -6.98 -11.17 41.71
CA GLU B 272 -7.76 -10.22 42.50
C GLU B 272 -7.17 -8.81 42.44
N GLY B 273 -8.02 -7.82 42.61
CA GLY B 273 -7.60 -6.41 42.63
C GLY B 273 -7.26 -5.82 41.29
N VAL B 274 -7.69 -6.45 40.20
CA VAL B 274 -7.41 -5.96 38.86
C VAL B 274 -8.40 -4.85 38.50
N VAL B 275 -7.88 -3.62 38.39
CA VAL B 275 -8.69 -2.44 38.12
C VAL B 275 -8.27 -1.77 36.81
N GLU B 276 -9.22 -1.58 35.90
CA GLU B 276 -8.98 -0.85 34.66
C GLU B 276 -10.13 0.11 34.39
N CYS B 277 -9.81 1.30 33.92
CA CYS B 277 -10.81 2.24 33.44
C CYS B 277 -11.29 1.76 32.07
N SER B 278 -12.60 1.84 31.83
CA SER B 278 -13.17 1.41 30.56
C SER B 278 -14.55 2.02 30.35
N PHE B 279 -14.90 2.27 29.10
CA PHE B 279 -16.16 2.91 28.74
C PHE B 279 -17.27 1.85 28.65
N VAL B 280 -18.15 1.84 29.65
CA VAL B 280 -19.13 0.76 29.82
C VAL B 280 -20.52 1.29 30.17
N LYS B 281 -21.51 0.39 30.12
CA LYS B 281 -22.85 0.66 30.64
C LYS B 281 -22.69 1.14 32.07
N SER B 282 -23.22 2.33 32.38
CA SER B 282 -22.95 2.97 33.67
C SER B 282 -24.18 3.66 34.26
N GLN B 283 -24.25 3.68 35.58
CA GLN B 283 -25.24 4.45 36.32
C GLN B 283 -24.53 5.42 37.28
N GLU B 284 -23.25 5.69 37.03
CA GLU B 284 -22.46 6.60 37.87
C GLU B 284 -22.85 8.05 37.60
N THR B 285 -23.38 8.30 36.42
CA THR B 285 -23.92 9.61 36.05
C THR B 285 -25.22 9.41 35.27
N GLU B 286 -25.82 10.52 34.84
CA GLU B 286 -27.01 10.48 33.99
C GLU B 286 -26.71 9.96 32.57
N CYS B 287 -25.43 9.98 32.18
CA CYS B 287 -25.01 9.30 30.96
C CYS B 287 -25.22 7.80 31.12
N THR B 288 -25.90 7.20 30.15
CA THR B 288 -26.17 5.77 30.19
C THR B 288 -24.89 4.94 29.96
N TYR B 289 -23.88 5.55 29.34
CA TYR B 289 -22.54 4.94 29.21
C TYR B 289 -21.47 5.91 29.70
N PHE B 290 -20.44 5.39 30.36
CA PHE B 290 -19.43 6.23 30.99
C PHE B 290 -18.20 5.43 31.36
N SER B 291 -17.04 6.07 31.36
CA SER B 291 -15.78 5.41 31.72
C SER B 291 -15.39 5.75 33.15
N THR B 292 -15.16 4.70 33.95
CA THR B 292 -14.66 4.84 35.31
C THR B 292 -13.73 3.66 35.60
N PRO B 293 -12.97 3.73 36.71
CA PRO B 293 -12.21 2.56 37.15
C PRO B 293 -13.14 1.39 37.46
N LEU B 294 -12.81 0.20 36.95
CA LEU B 294 -13.63 -0.98 37.12
C LEU B 294 -12.82 -2.10 37.72
N LEU B 295 -13.33 -2.70 38.80
CA LEU B 295 -12.79 -3.95 39.31
C LEU B 295 -13.22 -5.05 38.36
N LEU B 296 -12.24 -5.71 37.73
CA LEU B 296 -12.52 -6.81 36.81
C LEU B 296 -12.49 -8.13 37.55
N GLY B 297 -13.18 -9.12 36.98
CA GLY B 297 -13.18 -10.47 37.56
C GLY B 297 -13.83 -11.50 36.65
N LYS B 298 -14.21 -12.62 37.24
CA LYS B 298 -14.74 -13.79 36.53
C LYS B 298 -15.93 -13.48 35.63
N LYS B 299 -16.78 -12.54 36.05
CA LYS B 299 -17.94 -12.19 35.24
C LYS B 299 -17.72 -10.95 34.36
N GLY B 300 -16.47 -10.49 34.28
CA GLY B 300 -16.14 -9.27 33.55
C GLY B 300 -16.07 -8.10 34.51
N ILE B 301 -17.01 -7.17 34.41
CA ILE B 301 -17.10 -6.08 35.37
C ILE B 301 -17.58 -6.66 36.68
N GLU B 302 -16.69 -6.70 37.66
CA GLU B 302 -17.04 -7.20 38.98
C GLU B 302 -17.74 -6.09 39.75
N LYS B 303 -17.17 -4.89 39.66
CA LYS B 303 -17.66 -3.74 40.39
C LYS B 303 -17.27 -2.45 39.67
N ASN B 304 -18.22 -1.54 39.52
CA ASN B 304 -17.92 -0.19 39.04
C ASN B 304 -17.52 0.63 40.25
N LEU B 305 -16.25 1.07 40.29
CA LEU B 305 -15.73 1.79 41.45
C LEU B 305 -16.12 3.27 41.44
N GLY B 306 -16.71 3.74 40.34
CA GLY B 306 -17.24 5.10 40.26
C GLY B 306 -16.17 6.16 40.04
N ILE B 307 -16.62 7.41 40.10
CA ILE B 307 -15.77 8.57 39.90
C ILE B 307 -14.86 8.82 41.12
N GLY B 308 -15.41 8.63 42.31
CA GLY B 308 -14.69 8.91 43.55
C GLY B 308 -14.59 10.40 43.83
N LYS B 309 -13.63 10.78 44.68
CA LYS B 309 -13.43 12.17 45.07
C LYS B 309 -12.56 12.92 44.07
N VAL B 310 -13.06 14.05 43.59
CA VAL B 310 -12.39 14.83 42.55
C VAL B 310 -12.26 16.30 42.95
N SER B 311 -11.35 17.00 42.28
CA SER B 311 -11.14 18.43 42.48
C SER B 311 -12.26 19.21 41.82
N SER B 312 -12.35 20.50 42.13
CA SER B 312 -13.32 21.39 41.49
C SER B 312 -13.04 21.52 39.99
N PHE B 313 -11.76 21.58 39.64
CA PHE B 313 -11.34 21.61 38.23
C PHE B 313 -11.83 20.36 37.49
N GLU B 314 -11.62 19.19 38.09
CA GLU B 314 -12.06 17.93 37.51
C GLU B 314 -13.60 17.84 37.45
N GLU B 315 -14.26 18.33 38.50
CA GLU B 315 -15.73 18.39 38.54
C GLU B 315 -16.30 19.21 37.39
N LYS B 316 -15.67 20.35 37.11
CA LYS B 316 -16.07 21.22 36.00
C LYS B 316 -16.00 20.48 34.66
N MET B 317 -14.92 19.73 34.45
CA MET B 317 -14.74 18.97 33.21
C MET B 317 -15.79 17.88 33.02
N ILE B 318 -16.13 17.17 34.10
CA ILE B 318 -17.18 16.15 34.05
C ILE B 318 -18.48 16.78 33.55
N SER B 319 -18.84 17.91 34.14
CA SER B 319 -20.06 18.63 33.76
C SER B 319 -20.00 19.09 32.31
N ASP B 320 -18.88 19.68 31.90
CA ASP B 320 -18.68 20.15 30.52
C ASP B 320 -18.73 19.02 29.50
N ALA B 321 -18.33 17.82 29.92
CA ALA B 321 -18.25 16.65 29.04
C ALA B 321 -19.59 15.97 28.78
N ILE B 322 -20.48 16.01 29.78
CA ILE B 322 -21.74 15.25 29.74
C ILE B 322 -22.60 15.48 28.48
N PRO B 323 -22.72 16.75 28.02
CA PRO B 323 -23.48 17.02 26.79
C PRO B 323 -22.98 16.27 25.56
N GLU B 324 -21.68 16.30 25.31
CA GLU B 324 -21.09 15.60 24.16
C GLU B 324 -21.29 14.08 24.26
N LEU B 325 -21.11 13.54 25.46
CA LEU B 325 -21.26 12.11 25.70
C LEU B 325 -22.67 11.61 25.35
N LYS B 326 -23.68 12.35 25.80
CA LYS B 326 -25.07 12.01 25.53
C LYS B 326 -25.38 12.07 24.03
N ALA B 327 -24.84 13.08 23.36
CA ALA B 327 -24.99 13.20 21.91
C ALA B 327 -24.37 11.99 21.20
N SER B 328 -23.15 11.63 21.61
CA SER B 328 -22.45 10.48 21.02
C SER B 328 -23.19 9.17 21.30
N ILE B 329 -23.70 9.02 22.52
CA ILE B 329 -24.48 7.83 22.88
C ILE B 329 -25.75 7.76 22.03
N LYS B 330 -26.49 8.86 21.96
CA LYS B 330 -27.73 8.91 21.19
C LYS B 330 -27.47 8.58 19.73
N LYS B 331 -26.45 9.25 19.16
CA LYS B 331 -26.05 9.03 17.77
C LYS B 331 -25.81 7.55 17.46
N GLY B 332 -25.20 6.83 18.40
CA GLY B 332 -24.94 5.41 18.24
C GLY B 332 -26.20 4.56 18.28
N GLU B 333 -27.07 4.86 19.25
CA GLU B 333 -28.34 4.16 19.40
C GLU B 333 -29.25 4.40 18.19
N ASP B 334 -29.31 5.64 17.71
CA ASP B 334 -30.09 5.99 16.52
C ASP B 334 -29.65 5.19 15.28
N PHE B 335 -28.35 5.00 15.14
CA PHE B 335 -27.78 4.25 14.02
C PHE B 335 -28.25 2.80 13.98
N VAL B 336 -28.35 2.16 15.15
CA VAL B 336 -28.80 0.78 15.24
C VAL B 336 -30.29 0.64 14.87
N LYS B 337 -31.08 1.64 15.26
CA LYS B 337 -32.51 1.65 14.96
C LYS B 337 -32.79 1.71 13.45
N THR B 338 -31.90 2.36 12.70
CA THR B 338 -32.06 2.51 11.25
C THR B 338 -31.55 1.32 10.44
N LEU B 339 -31.25 0.21 11.11
CA LEU B 339 -30.90 -1.04 10.43
C LEU B 339 -32.12 -1.93 10.30
N ASN C 26 -1.12 24.32 -27.24
CA ASN C 26 -0.16 25.03 -26.33
C ASN C 26 -0.68 25.18 -24.89
N ALA C 27 -1.58 24.30 -24.48
CA ALA C 27 -2.15 24.36 -23.13
C ALA C 27 -1.12 23.93 -22.08
N LYS C 28 -0.95 24.79 -21.06
CA LYS C 28 -0.05 24.50 -19.95
C LYS C 28 -0.95 24.00 -18.80
N VAL C 29 -0.87 22.71 -18.52
CA VAL C 29 -1.78 22.07 -17.55
C VAL C 29 -1.03 21.63 -16.29
N ALA C 30 -1.60 21.99 -15.14
CA ALA C 30 -1.08 21.57 -13.85
C ALA C 30 -2.03 20.56 -13.23
N VAL C 31 -1.46 19.50 -12.64
CA VAL C 31 -2.24 18.48 -11.93
C VAL C 31 -1.78 18.43 -10.47
N LEU C 32 -2.65 18.88 -9.57
CA LEU C 32 -2.34 18.91 -8.15
C LEU C 32 -2.90 17.65 -7.49
N GLY C 33 -2.00 16.79 -7.03
CA GLY C 33 -2.35 15.43 -6.59
C GLY C 33 -2.05 14.41 -7.67
N ALA C 34 -0.95 14.61 -8.40
CA ALA C 34 -0.64 13.80 -9.57
C ALA C 34 -0.15 12.38 -9.27
N SER C 35 0.24 12.11 -8.02
CA SER C 35 0.74 10.79 -7.63
C SER C 35 -0.35 9.87 -7.07
N GLY C 36 -1.56 10.38 -6.88
CA GLY C 36 -2.65 9.59 -6.30
C GLY C 36 -3.27 8.62 -7.29
N GLY C 37 -4.27 7.89 -6.85
CA GLY C 37 -4.96 6.89 -7.69
C GLY C 37 -5.65 7.47 -8.91
N ILE C 38 -6.24 8.65 -8.74
CA ILE C 38 -6.83 9.39 -9.86
C ILE C 38 -5.74 10.15 -10.63
N GLY C 39 -4.84 10.78 -9.89
CA GLY C 39 -3.82 11.66 -10.46
C GLY C 39 -2.91 11.05 -11.49
N GLN C 40 -2.47 9.81 -11.26
CA GLN C 40 -1.52 9.16 -12.16
C GLN C 40 -2.11 8.79 -13.53
N PRO C 41 -3.22 8.02 -13.56
CA PRO C 41 -3.85 7.75 -14.85
C PRO C 41 -4.42 9.00 -15.52
N LEU C 42 -4.83 9.99 -14.75
CA LEU C 42 -5.25 11.29 -15.29
C LEU C 42 -4.08 11.97 -16.02
N SER C 43 -2.94 12.07 -15.34
CA SER C 43 -1.73 12.65 -15.93
C SER C 43 -1.30 11.90 -17.19
N LEU C 44 -1.47 10.58 -17.20
CA LEU C 44 -1.17 9.78 -18.39
C LEU C 44 -2.04 10.23 -19.57
N LEU C 45 -3.35 10.31 -19.35
CA LEU C 45 -4.30 10.68 -20.42
C LEU C 45 -4.02 12.08 -20.94
N LEU C 46 -3.69 13.00 -20.02
CA LEU C 46 -3.30 14.36 -20.39
C LEU C 46 -2.01 14.38 -21.22
N LYS C 47 -1.02 13.58 -20.81
CA LYS C 47 0.24 13.45 -21.55
C LYS C 47 0.03 12.91 -22.96
N ASN C 48 -0.95 12.02 -23.12
CA ASN C 48 -1.25 11.43 -24.43
C ASN C 48 -1.90 12.39 -25.43
N SER C 49 -2.35 13.55 -24.98
CA SER C 49 -3.12 14.48 -25.82
C SER C 49 -2.24 15.53 -26.49
N PRO C 50 -2.43 15.75 -27.80
CA PRO C 50 -1.68 16.81 -28.50
C PRO C 50 -2.15 18.24 -28.16
N LEU C 51 -3.21 18.36 -27.36
CA LEU C 51 -3.63 19.67 -26.84
C LEU C 51 -2.68 20.26 -25.81
N VAL C 52 -1.96 19.38 -25.09
CA VAL C 52 -1.12 19.79 -23.97
C VAL C 52 0.34 19.93 -24.41
N SER C 53 0.94 21.07 -24.12
CA SER C 53 2.36 21.32 -24.43
C SER C 53 3.25 21.34 -23.19
N ARG C 54 2.66 21.65 -22.03
CA ARG C 54 3.39 21.57 -20.75
C ARG C 54 2.51 20.95 -19.68
N LEU C 55 3.01 19.88 -19.07
CA LEU C 55 2.31 19.18 -18.01
C LEU C 55 3.15 19.24 -16.74
N THR C 56 2.66 19.99 -15.75
CA THR C 56 3.34 20.12 -14.49
C THR C 56 2.55 19.35 -13.43
N LEU C 57 3.26 18.50 -12.70
CA LEU C 57 2.66 17.56 -11.77
C LEU C 57 3.08 17.91 -10.35
N TYR C 58 2.12 17.98 -9.44
CA TYR C 58 2.41 18.30 -8.05
C TYR C 58 1.83 17.29 -7.08
N ASP C 59 2.62 16.96 -6.06
CA ASP C 59 2.14 16.19 -4.93
C ASP C 59 3.14 16.34 -3.79
N ILE C 60 2.85 15.70 -2.66
CA ILE C 60 3.76 15.70 -1.51
C ILE C 60 4.73 14.51 -1.54
N ALA C 61 4.56 13.63 -2.53
CA ALA C 61 5.41 12.45 -2.69
C ALA C 61 5.25 11.83 -4.09
N HIS C 62 6.34 11.23 -4.58
CA HIS C 62 6.36 10.39 -5.78
C HIS C 62 6.35 11.10 -7.15
N THR C 63 6.20 12.43 -7.17
CA THR C 63 6.01 13.17 -8.42
C THR C 63 7.20 13.10 -9.41
N PRO C 64 8.44 13.20 -8.92
CA PRO C 64 9.56 13.10 -9.87
C PRO C 64 9.59 11.76 -10.62
N GLY C 65 9.19 10.69 -9.94
CA GLY C 65 9.10 9.35 -10.55
C GLY C 65 7.96 9.22 -11.54
N VAL C 66 6.81 9.76 -11.19
CA VAL C 66 5.67 9.80 -12.10
C VAL C 66 6.01 10.65 -13.34
N ALA C 67 6.68 11.77 -13.11
CA ALA C 67 7.10 12.67 -14.20
C ALA C 67 8.15 12.03 -15.11
N ALA C 68 9.13 11.34 -14.51
CA ALA C 68 10.16 10.63 -15.27
C ALA C 68 9.51 9.57 -16.16
N ASP C 69 8.64 8.78 -15.56
CA ASP C 69 7.81 7.77 -16.26
C ASP C 69 7.10 8.39 -17.49
N LEU C 70 6.29 9.42 -17.26
CA LEU C 70 5.52 10.04 -18.34
C LEU C 70 6.38 10.77 -19.38
N SER C 71 7.54 11.28 -18.99
CA SER C 71 8.39 12.06 -19.90
C SER C 71 8.93 11.24 -21.08
N HIS C 72 8.80 9.92 -21.01
CA HIS C 72 9.28 9.05 -22.07
C HIS C 72 8.26 8.83 -23.19
N ILE C 73 6.99 9.15 -22.93
CA ILE C 73 5.93 8.93 -23.91
C ILE C 73 6.11 9.86 -25.12
N GLU C 74 5.88 9.31 -26.31
CA GLU C 74 6.20 9.98 -27.59
C GLU C 74 5.20 11.06 -28.00
N THR C 75 4.89 11.98 -27.09
CA THR C 75 4.07 13.15 -27.38
C THR C 75 4.84 14.39 -27.00
N LYS C 76 4.34 15.54 -27.44
CA LYS C 76 5.10 16.79 -27.33
C LYS C 76 5.10 17.42 -25.93
N ALA C 77 4.11 17.07 -25.10
CA ALA C 77 3.96 17.68 -23.78
C ALA C 77 5.24 17.55 -22.93
N ALA C 78 5.76 18.69 -22.50
CA ALA C 78 6.88 18.71 -21.56
C ALA C 78 6.37 18.37 -20.17
N VAL C 79 6.88 17.29 -19.59
CA VAL C 79 6.45 16.84 -18.26
C VAL C 79 7.48 17.22 -17.18
N LYS C 80 7.00 17.79 -16.09
CA LYS C 80 7.86 18.22 -14.98
C LYS C 80 7.18 17.90 -13.66
N GLY C 81 7.92 17.28 -12.75
CA GLY C 81 7.39 16.90 -11.44
C GLY C 81 7.80 17.89 -10.36
N TYR C 82 6.87 18.21 -9.47
CA TYR C 82 7.10 19.14 -8.37
C TYR C 82 6.68 18.51 -7.06
N LEU C 83 7.41 18.85 -6.00
CA LEU C 83 7.36 18.10 -4.75
C LEU C 83 7.46 19.05 -3.56
N GLY C 84 6.41 19.08 -2.74
CA GLY C 84 6.40 19.86 -1.51
C GLY C 84 5.95 21.30 -1.69
N PRO C 85 5.31 21.90 -0.66
CA PRO C 85 4.76 23.26 -0.74
C PRO C 85 5.68 24.30 -1.39
N GLU C 86 6.98 24.21 -1.12
CA GLU C 86 7.96 25.14 -1.67
C GLU C 86 7.96 25.18 -3.21
N GLN C 87 7.73 24.02 -3.84
CA GLN C 87 7.76 23.93 -5.30
C GLN C 87 6.39 24.13 -5.98
N LEU C 88 5.37 24.40 -5.18
CA LEU C 88 4.01 24.60 -5.68
C LEU C 88 3.87 25.83 -6.59
N PRO C 89 4.47 26.98 -6.22
CA PRO C 89 4.42 28.15 -7.11
C PRO C 89 5.06 27.94 -8.49
N ASP C 90 6.16 27.19 -8.54
CA ASP C 90 6.83 26.89 -9.80
C ASP C 90 5.97 25.96 -10.68
N CYS C 91 5.20 25.08 -10.04
CA CYS C 91 4.30 24.18 -10.75
C CYS C 91 3.15 24.95 -11.42
N LEU C 92 2.73 26.04 -10.80
CA LEU C 92 1.55 26.80 -11.23
C LEU C 92 1.89 27.96 -12.17
N LYS C 93 3.16 28.34 -12.22
CA LYS C 93 3.63 29.48 -13.02
C LYS C 93 3.18 29.37 -14.48
N GLY C 94 2.33 30.31 -14.91
CA GLY C 94 1.90 30.37 -16.30
C GLY C 94 0.91 29.32 -16.76
N CYS C 95 0.25 28.66 -15.82
CA CYS C 95 -0.74 27.63 -16.16
C CYS C 95 -2.00 28.21 -16.77
N ASP C 96 -2.53 27.53 -17.78
CA ASP C 96 -3.83 27.86 -18.37
C ASP C 96 -4.95 27.09 -17.67
N VAL C 97 -4.65 25.87 -17.24
CA VAL C 97 -5.61 25.01 -16.58
C VAL C 97 -4.97 24.34 -15.37
N VAL C 98 -5.74 24.22 -14.29
CA VAL C 98 -5.32 23.46 -13.12
C VAL C 98 -6.42 22.46 -12.79
N VAL C 99 -6.06 21.18 -12.75
CA VAL C 99 -6.97 20.11 -12.33
C VAL C 99 -6.50 19.64 -10.96
N ILE C 100 -7.45 19.41 -10.06
CA ILE C 100 -7.13 19.08 -8.68
C ILE C 100 -7.76 17.73 -8.30
N PRO C 101 -7.08 16.63 -8.67
CA PRO C 101 -7.55 15.32 -8.24
C PRO C 101 -7.18 14.98 -6.80
N ALA C 102 -6.37 15.81 -6.15
CA ALA C 102 -5.95 15.57 -4.76
C ALA C 102 -7.14 15.35 -3.85
N GLY C 103 -6.96 14.49 -2.86
CA GLY C 103 -7.98 14.30 -1.83
C GLY C 103 -8.01 12.89 -1.30
N VAL C 104 -8.43 12.75 -0.05
CA VAL C 104 -8.61 11.45 0.55
C VAL C 104 -9.83 10.82 -0.09
N PRO C 105 -9.73 9.54 -0.52
CA PRO C 105 -10.87 8.84 -1.10
C PRO C 105 -11.72 8.16 -0.03
N ARG C 106 -12.94 7.76 -0.40
CA ARG C 106 -13.86 7.09 0.53
C ARG C 106 -13.53 5.61 0.72
N LYS C 107 -13.92 5.11 1.88
CA LYS C 107 -13.99 3.68 2.15
C LYS C 107 -15.45 3.28 2.27
N PRO C 108 -15.77 1.99 2.12
CA PRO C 108 -17.16 1.51 2.26
C PRO C 108 -17.85 2.04 3.50
N GLY C 109 -19.08 2.56 3.33
CA GLY C 109 -19.86 3.09 4.44
C GLY C 109 -19.61 4.56 4.73
N MET C 110 -18.78 5.21 3.91
CA MET C 110 -18.52 6.64 4.06
C MET C 110 -19.40 7.44 3.09
N THR C 111 -19.79 8.64 3.52
CA THR C 111 -20.34 9.64 2.61
C THR C 111 -19.18 10.50 2.16
N ARG C 112 -19.36 11.22 1.05
CA ARG C 112 -18.32 12.12 0.56
C ARG C 112 -18.13 13.27 1.54
N ASP C 113 -19.21 13.62 2.25
CA ASP C 113 -19.18 14.65 3.27
C ASP C 113 -18.34 14.26 4.50
N ASP C 114 -18.18 12.97 4.74
CA ASP C 114 -17.27 12.49 5.80
C ASP C 114 -15.82 12.93 5.55
N LEU C 115 -15.47 13.13 4.28
CA LEU C 115 -14.13 13.55 3.91
C LEU C 115 -13.99 15.07 3.84
N PHE C 116 -15.07 15.80 4.13
CA PHE C 116 -15.07 17.26 4.07
C PHE C 116 -13.92 17.89 4.83
N ASN C 117 -13.83 17.56 6.12
CA ASN C 117 -12.86 18.23 7.00
C ASN C 117 -11.43 18.16 6.47
N THR C 118 -10.98 16.96 6.07
CA THR C 118 -9.61 16.80 5.54
C THR C 118 -9.45 17.41 4.15
N ASN C 119 -10.35 17.08 3.24
CA ASN C 119 -10.25 17.56 1.85
C ASN C 119 -10.48 19.06 1.69
N ALA C 120 -11.26 19.66 2.58
CA ALA C 120 -11.48 21.11 2.57
C ALA C 120 -10.17 21.88 2.79
N THR C 121 -9.35 21.41 3.72
CA THR C 121 -8.06 22.09 4.00
C THR C 121 -7.03 21.80 2.89
N ILE C 122 -7.11 20.63 2.26
CA ILE C 122 -6.30 20.36 1.07
C ILE C 122 -6.67 21.36 -0.05
N VAL C 123 -7.96 21.48 -0.34
CA VAL C 123 -8.42 22.34 -1.44
C VAL C 123 -8.14 23.81 -1.17
N ALA C 124 -8.40 24.26 0.06
CA ALA C 124 -8.15 25.66 0.44
C ALA C 124 -6.67 26.05 0.29
N THR C 125 -5.78 25.12 0.61
CA THR C 125 -4.35 25.38 0.51
C THR C 125 -3.92 25.48 -0.95
N LEU C 126 -4.36 24.51 -1.75
CA LEU C 126 -3.98 24.45 -3.17
C LEU C 126 -4.61 25.57 -3.98
N THR C 127 -5.89 25.88 -3.71
CA THR C 127 -6.57 26.95 -4.45
C THR C 127 -6.02 28.32 -4.05
N ALA C 128 -5.59 28.48 -2.80
CA ALA C 128 -4.92 29.69 -2.36
C ALA C 128 -3.65 29.92 -3.18
N ALA C 129 -2.84 28.87 -3.33
CA ALA C 129 -1.65 28.94 -4.19
C ALA C 129 -2.01 29.28 -5.63
N CYS C 130 -3.13 28.74 -6.12
CA CYS C 130 -3.62 29.05 -7.46
C CYS C 130 -3.94 30.54 -7.60
N ALA C 131 -4.68 31.08 -6.64
CA ALA C 131 -5.05 32.50 -6.64
C ALA C 131 -3.83 33.43 -6.57
N GLN C 132 -2.75 32.99 -5.93
CA GLN C 132 -1.53 33.78 -5.82
C GLN C 132 -0.63 33.70 -7.07
N HIS C 133 -0.62 32.55 -7.74
CA HIS C 133 0.39 32.29 -8.79
C HIS C 133 -0.15 32.08 -10.21
N CYS C 134 -1.40 31.64 -10.35
CA CYS C 134 -2.06 31.56 -11.65
C CYS C 134 -3.54 31.92 -11.53
N PRO C 135 -3.83 33.18 -11.17
CA PRO C 135 -5.21 33.61 -10.91
C PRO C 135 -6.12 33.55 -12.14
N GLU C 136 -5.52 33.64 -13.32
CA GLU C 136 -6.25 33.65 -14.58
C GLU C 136 -6.58 32.24 -15.11
N ALA C 137 -5.99 31.20 -14.51
CA ALA C 137 -6.17 29.84 -15.01
C ALA C 137 -7.57 29.31 -14.74
N MET C 138 -7.98 28.32 -15.54
CA MET C 138 -9.19 27.56 -15.26
C MET C 138 -8.88 26.64 -14.09
N ILE C 139 -9.78 26.58 -13.11
CA ILE C 139 -9.59 25.75 -11.91
C ILE C 139 -10.63 24.62 -11.93
N CYS C 140 -10.16 23.40 -12.10
CA CYS C 140 -11.02 22.22 -12.19
C CYS C 140 -10.86 21.33 -10.96
N VAL C 141 -11.86 21.33 -10.08
CA VAL C 141 -11.78 20.63 -8.81
C VAL C 141 -12.47 19.28 -8.88
N ILE C 142 -11.68 18.21 -8.77
CA ILE C 142 -12.21 16.85 -8.64
C ILE C 142 -12.38 16.51 -7.16
N ALA C 143 -11.52 17.06 -6.31
CA ALA C 143 -11.53 16.79 -4.86
C ALA C 143 -12.92 16.89 -4.25
N ASN C 144 -13.33 15.83 -3.54
CA ASN C 144 -14.65 15.78 -2.94
C ASN C 144 -14.68 16.14 -1.46
N PRO C 145 -15.84 16.58 -0.94
CA PRO C 145 -17.13 16.69 -1.64
C PRO C 145 -17.21 17.95 -2.50
N VAL C 146 -17.38 17.77 -3.81
CA VAL C 146 -17.44 18.90 -4.76
C VAL C 146 -18.48 19.94 -4.35
N ASN C 147 -19.62 19.47 -3.84
CA ASN C 147 -20.70 20.36 -3.38
C ASN C 147 -20.27 21.39 -2.34
N SER C 148 -19.22 21.06 -1.57
CA SER C 148 -18.64 22.00 -0.61
C SER C 148 -17.31 22.58 -1.06
N THR C 149 -16.52 21.82 -1.83
CA THR C 149 -15.16 22.24 -2.17
C THR C 149 -15.10 23.31 -3.25
N ILE C 150 -16.10 23.36 -4.13
CA ILE C 150 -16.17 24.46 -5.11
C ILE C 150 -16.45 25.79 -4.43
N PRO C 151 -17.46 25.86 -3.54
CA PRO C 151 -17.64 27.07 -2.74
C PRO C 151 -16.38 27.51 -2.01
N ILE C 152 -15.64 26.57 -1.45
CA ILE C 152 -14.36 26.87 -0.78
C ILE C 152 -13.40 27.54 -1.75
N THR C 153 -13.32 27.00 -2.96
CA THR C 153 -12.46 27.55 -4.00
C THR C 153 -12.86 28.99 -4.32
N ALA C 154 -14.16 29.21 -4.52
CA ALA C 154 -14.69 30.55 -4.85
C ALA C 154 -14.35 31.56 -3.76
N GLU C 155 -14.60 31.18 -2.51
CA GLU C 155 -14.32 32.04 -1.36
C GLU C 155 -12.83 32.35 -1.21
N VAL C 156 -12.00 31.33 -1.40
CA VAL C 156 -10.55 31.51 -1.34
C VAL C 156 -10.11 32.51 -2.41
N PHE C 157 -10.62 32.35 -3.63
CA PHE C 157 -10.33 33.28 -4.72
C PHE C 157 -10.83 34.69 -4.42
N LYS C 158 -12.01 34.81 -3.79
CA LYS C 158 -12.53 36.10 -3.36
C LYS C 158 -11.62 36.77 -2.34
N LYS C 159 -11.09 36.00 -1.41
CA LYS C 159 -10.18 36.54 -0.38
C LYS C 159 -8.91 37.13 -0.97
N HIS C 160 -8.52 36.64 -2.16
CA HIS C 160 -7.37 37.19 -2.89
C HIS C 160 -7.78 38.23 -3.94
N GLY C 161 -9.08 38.53 -4.02
CA GLY C 161 -9.59 39.54 -4.95
C GLY C 161 -9.39 39.20 -6.41
N VAL C 162 -9.41 37.90 -6.74
CA VAL C 162 -9.19 37.46 -8.12
C VAL C 162 -10.30 36.51 -8.59
N TYR C 163 -11.49 36.65 -7.99
CA TYR C 163 -12.59 35.74 -8.26
C TYR C 163 -13.20 35.97 -9.65
N ASN C 164 -13.11 34.94 -10.48
CA ASN C 164 -13.83 34.89 -11.75
C ASN C 164 -14.74 33.65 -11.75
N PRO C 165 -16.07 33.86 -11.70
CA PRO C 165 -17.00 32.73 -11.66
C PRO C 165 -17.07 31.92 -12.96
N ASN C 166 -16.60 32.50 -14.06
CA ASN C 166 -16.55 31.79 -15.34
C ASN C 166 -15.42 30.76 -15.44
N LYS C 167 -14.52 30.73 -14.46
CA LYS C 167 -13.31 29.90 -14.53
C LYS C 167 -13.16 28.85 -13.43
N ILE C 168 -14.21 28.64 -12.63
CA ILE C 168 -14.15 27.70 -11.52
C ILE C 168 -15.16 26.58 -11.76
N PHE C 169 -14.66 25.35 -11.86
CA PHE C 169 -15.45 24.19 -12.24
C PHE C 169 -15.34 23.01 -11.28
N GLY C 170 -16.47 22.60 -10.72
CA GLY C 170 -16.57 21.35 -9.97
C GLY C 170 -16.83 20.21 -10.94
N VAL C 171 -15.84 19.34 -11.11
CA VAL C 171 -15.91 18.30 -12.14
C VAL C 171 -16.90 17.21 -11.71
N THR C 172 -18.05 17.19 -12.40
CA THR C 172 -19.10 16.20 -12.15
C THR C 172 -19.23 15.24 -13.31
N THR C 173 -18.30 15.33 -14.26
CA THR C 173 -18.37 14.62 -15.53
C THR C 173 -18.57 13.11 -15.39
N LEU C 174 -18.03 12.52 -14.32
CA LEU C 174 -18.17 11.07 -14.11
C LEU C 174 -19.64 10.64 -13.96
N ASP C 175 -20.47 11.52 -13.39
CA ASP C 175 -21.91 11.26 -13.30
C ASP C 175 -22.55 11.17 -14.68
N ILE C 176 -22.11 12.03 -15.61
CA ILE C 176 -22.60 12.00 -16.99
C ILE C 176 -22.10 10.71 -17.66
N VAL C 177 -20.81 10.43 -17.53
CA VAL C 177 -20.22 9.22 -18.13
C VAL C 177 -20.96 7.98 -17.66
N ARG C 178 -21.22 7.89 -16.36
CA ARG C 178 -21.98 6.76 -15.79
C ARG C 178 -23.39 6.68 -16.38
N ALA C 179 -24.07 7.82 -16.42
CA ALA C 179 -25.44 7.89 -16.95
C ALA C 179 -25.48 7.41 -18.39
N ASN C 180 -24.55 7.91 -19.20
CA ASN C 180 -24.45 7.48 -20.61
C ASN C 180 -24.25 5.98 -20.75
N THR C 181 -23.37 5.41 -19.94
CA THR C 181 -23.10 3.97 -20.00
C THR C 181 -24.31 3.14 -19.59
N PHE C 182 -24.97 3.52 -18.49
CA PHE C 182 -26.11 2.73 -17.99
C PHE C 182 -27.31 2.78 -18.94
N VAL C 183 -27.59 3.97 -19.48
CA VAL C 183 -28.65 4.12 -20.48
C VAL C 183 -28.33 3.28 -21.72
N ALA C 184 -27.08 3.35 -22.20
CA ALA C 184 -26.65 2.57 -23.36
C ALA C 184 -26.81 1.07 -23.16
N GLU C 185 -26.42 0.58 -21.98
CA GLU C 185 -26.54 -0.84 -21.64
C GLU C 185 -27.98 -1.33 -21.63
N LEU C 186 -28.90 -0.49 -21.13
CA LEU C 186 -30.32 -0.87 -21.07
C LEU C 186 -31.00 -0.83 -22.44
N LYS C 187 -30.56 0.07 -23.32
CA LYS C 187 -31.16 0.23 -24.64
C LYS C 187 -30.36 -0.42 -25.77
N GLY C 188 -29.25 -1.07 -25.44
CA GLY C 188 -28.40 -1.72 -26.46
C GLY C 188 -27.86 -0.74 -27.49
N LEU C 189 -27.37 0.40 -27.00
CA LEU C 189 -26.78 1.43 -27.87
C LEU C 189 -25.29 1.53 -27.63
N ASP C 190 -24.59 2.24 -28.52
CA ASP C 190 -23.19 2.58 -28.29
C ASP C 190 -23.15 3.77 -27.34
N PRO C 191 -22.58 3.59 -26.13
CA PRO C 191 -22.52 4.69 -25.15
C PRO C 191 -21.71 5.90 -25.61
N ALA C 192 -20.82 5.72 -26.58
CA ALA C 192 -20.05 6.84 -27.15
C ALA C 192 -20.92 7.84 -27.90
N ARG C 193 -22.14 7.44 -28.28
CA ARG C 193 -23.10 8.35 -28.89
C ARG C 193 -24.39 8.51 -28.07
N VAL C 194 -24.25 8.42 -26.74
CA VAL C 194 -25.34 8.73 -25.81
C VAL C 194 -24.92 9.93 -24.98
N ASN C 195 -25.86 10.86 -24.77
CA ASN C 195 -25.61 12.06 -23.98
C ASN C 195 -26.75 12.34 -23.02
N VAL C 196 -26.50 12.13 -21.72
CA VAL C 196 -27.48 12.37 -20.68
C VAL C 196 -27.04 13.57 -19.84
N PRO C 197 -27.83 14.67 -19.85
CA PRO C 197 -27.51 15.74 -18.93
C PRO C 197 -27.76 15.32 -17.49
N VAL C 198 -26.82 15.65 -16.61
CA VAL C 198 -26.99 15.42 -15.18
C VAL C 198 -26.77 16.74 -14.46
N ILE C 199 -27.71 17.11 -13.61
CA ILE C 199 -27.71 18.43 -12.97
C ILE C 199 -27.69 18.28 -11.45
N GLY C 200 -27.64 19.41 -10.76
CA GLY C 200 -27.67 19.43 -9.30
C GLY C 200 -26.28 19.53 -8.72
N GLY C 201 -25.83 18.43 -8.11
CA GLY C 201 -24.47 18.35 -7.55
C GLY C 201 -23.92 16.95 -7.67
N HIS C 202 -22.84 16.69 -6.92
CA HIS C 202 -22.17 15.39 -6.94
C HIS C 202 -22.20 14.74 -5.55
N ALA C 203 -23.39 14.34 -5.13
CA ALA C 203 -23.56 13.62 -3.87
C ALA C 203 -24.97 13.05 -3.78
N GLY C 204 -25.08 11.73 -3.74
CA GLY C 204 -26.36 11.03 -3.51
C GLY C 204 -27.52 11.58 -4.31
N LYS C 205 -28.55 12.07 -3.62
CA LYS C 205 -29.77 12.53 -4.26
C LYS C 205 -29.64 13.92 -4.88
N THR C 206 -28.49 14.57 -4.69
CA THR C 206 -28.21 15.81 -5.43
C THR C 206 -27.78 15.53 -6.87
N ILE C 207 -27.51 14.27 -7.19
CA ILE C 207 -27.18 13.86 -8.55
C ILE C 207 -28.50 13.59 -9.29
N ILE C 208 -28.81 14.45 -10.25
CA ILE C 208 -30.11 14.41 -10.93
C ILE C 208 -29.94 14.20 -12.43
N PRO C 209 -30.06 12.95 -12.89
CA PRO C 209 -29.95 12.69 -14.32
C PRO C 209 -31.25 13.02 -15.06
N LEU C 210 -31.14 13.87 -16.07
CA LEU C 210 -32.28 14.26 -16.89
C LEU C 210 -32.43 13.29 -18.07
N ILE C 211 -33.05 12.15 -17.79
CA ILE C 211 -33.28 11.15 -18.82
C ILE C 211 -34.20 11.69 -19.92
N SER C 212 -35.13 12.58 -19.56
CA SER C 212 -36.04 13.20 -20.53
C SER C 212 -35.30 13.99 -21.62
N GLN C 213 -34.15 14.58 -21.26
CA GLN C 213 -33.34 15.33 -22.23
C GLN C 213 -32.24 14.50 -22.90
N CYS C 214 -32.27 13.19 -22.71
CA CYS C 214 -31.25 12.32 -23.28
C CYS C 214 -31.34 12.25 -24.79
N THR C 215 -30.19 12.29 -25.47
CA THR C 215 -30.12 12.05 -26.92
C THR C 215 -29.26 10.81 -27.18
N PRO C 216 -29.76 9.86 -27.99
CA PRO C 216 -31.07 9.85 -28.64
C PRO C 216 -32.19 9.67 -27.61
N LYS C 217 -33.42 9.95 -28.03
CA LYS C 217 -34.57 9.92 -27.11
C LYS C 217 -34.81 8.50 -26.64
N VAL C 218 -34.98 8.33 -25.33
CA VAL C 218 -35.23 7.02 -24.73
C VAL C 218 -36.43 7.08 -23.80
N ASP C 219 -37.16 5.98 -23.70
CA ASP C 219 -38.32 5.88 -22.84
C ASP C 219 -38.25 4.62 -22.00
N PHE C 220 -38.33 4.78 -20.68
CA PHE C 220 -38.36 3.66 -19.76
C PHE C 220 -39.69 3.68 -19.01
N PRO C 221 -40.21 2.51 -18.63
CA PRO C 221 -41.29 2.54 -17.64
C PRO C 221 -40.81 3.22 -16.36
N GLN C 222 -41.73 3.87 -15.65
CA GLN C 222 -41.39 4.69 -14.49
C GLN C 222 -40.62 3.92 -13.40
N ASP C 223 -40.95 2.64 -13.22
CA ASP C 223 -40.21 1.79 -12.26
C ASP C 223 -38.77 1.54 -12.70
N GLN C 224 -38.56 1.33 -14.00
CA GLN C 224 -37.21 1.21 -14.56
C GLN C 224 -36.43 2.52 -14.47
N LEU C 225 -37.13 3.63 -14.68
CA LEU C 225 -36.52 4.96 -14.59
C LEU C 225 -36.00 5.22 -13.18
N THR C 226 -36.80 4.86 -12.19
CA THR C 226 -36.44 5.02 -10.78
C THR C 226 -35.25 4.14 -10.38
N ALA C 227 -35.15 2.97 -11.00
CA ALA C 227 -34.02 2.07 -10.78
C ALA C 227 -32.75 2.62 -11.44
N LEU C 228 -32.88 3.02 -12.71
CA LEU C 228 -31.80 3.65 -13.45
C LEU C 228 -31.26 4.88 -12.70
N THR C 229 -32.19 5.68 -12.19
CA THR C 229 -31.84 6.93 -11.52
C THR C 229 -31.14 6.68 -10.18
N GLY C 230 -31.61 5.69 -9.42
CA GLY C 230 -30.95 5.27 -8.19
C GLY C 230 -29.54 4.73 -8.44
N ARG C 231 -29.41 3.90 -9.48
CA ARG C 231 -28.11 3.36 -9.89
C ARG C 231 -27.11 4.48 -10.16
N ILE C 232 -27.53 5.46 -10.97
CA ILE C 232 -26.68 6.60 -11.29
C ILE C 232 -26.26 7.37 -10.04
N GLN C 233 -27.21 7.57 -9.13
CA GLN C 233 -26.96 8.29 -7.88
C GLN C 233 -26.00 7.55 -6.95
N GLU C 234 -26.14 6.24 -6.87
CA GLU C 234 -25.32 5.41 -5.97
C GLU C 234 -24.10 4.79 -6.67
N ALA C 235 -23.81 5.20 -7.89
CA ALA C 235 -22.76 4.56 -8.71
C ALA C 235 -21.37 4.67 -8.07
N GLY C 236 -21.06 5.81 -7.49
CA GLY C 236 -19.79 5.99 -6.77
C GLY C 236 -19.64 5.00 -5.63
N THR C 237 -20.72 4.82 -4.87
CA THR C 237 -20.73 3.89 -3.74
C THR C 237 -20.56 2.45 -4.21
N GLU C 238 -21.14 2.12 -5.37
CA GLU C 238 -21.03 0.77 -5.91
C GLU C 238 -19.58 0.39 -6.19
N VAL C 239 -18.80 1.35 -6.70
CA VAL C 239 -17.38 1.12 -6.96
C VAL C 239 -16.60 1.04 -5.64
N VAL C 240 -16.92 1.93 -4.69
CA VAL C 240 -16.29 1.88 -3.37
C VAL C 240 -16.48 0.50 -2.73
N LYS C 241 -17.72 0.00 -2.76
CA LYS C 241 -18.04 -1.31 -2.21
C LYS C 241 -17.28 -2.41 -2.93
N ALA C 242 -17.26 -2.35 -4.26
CA ALA C 242 -16.57 -3.33 -5.08
C ALA C 242 -15.04 -3.31 -4.86
N LYS C 243 -14.49 -2.17 -4.48
CA LYS C 243 -13.06 -2.07 -4.15
C LYS C 243 -12.74 -2.52 -2.72
N ALA C 244 -13.77 -2.79 -1.93
CA ALA C 244 -13.66 -3.46 -0.62
C ALA C 244 -12.63 -2.83 0.33
N GLY C 245 -12.56 -1.51 0.33
CA GLY C 245 -11.65 -0.77 1.20
C GLY C 245 -10.48 -0.13 0.49
N ALA C 246 -10.21 -0.54 -0.75
CA ALA C 246 -9.08 -0.01 -1.51
C ALA C 246 -9.45 1.23 -2.32
N GLY C 247 -10.16 2.17 -1.68
CA GLY C 247 -10.48 3.45 -2.29
C GLY C 247 -11.74 3.48 -3.14
N SER C 248 -11.84 4.51 -3.97
CA SER C 248 -13.02 4.76 -4.79
C SER C 248 -12.62 4.76 -6.27
N ALA C 249 -13.52 5.20 -7.14
CA ALA C 249 -13.26 5.27 -8.59
C ALA C 249 -11.96 6.04 -8.87
N THR C 250 -11.07 5.43 -9.64
CA THR C 250 -9.81 6.07 -10.01
C THR C 250 -9.66 6.17 -11.53
N LEU C 251 -9.84 5.04 -12.21
CA LEU C 251 -9.60 4.96 -13.65
C LEU C 251 -10.70 5.67 -14.44
N SER C 252 -11.96 5.41 -14.06
CA SER C 252 -13.09 6.09 -14.67
C SER C 252 -13.10 7.56 -14.30
N MET C 253 -12.64 7.89 -13.09
CA MET C 253 -12.55 9.29 -12.68
C MET C 253 -11.47 10.03 -13.47
N ALA C 254 -10.39 9.33 -13.81
CA ALA C 254 -9.35 9.91 -14.64
C ALA C 254 -9.86 10.15 -16.06
N TYR C 255 -10.64 9.19 -16.58
CA TYR C 255 -11.26 9.34 -17.88
C TYR C 255 -12.19 10.56 -17.89
N ALA C 256 -13.00 10.68 -16.84
CA ALA C 256 -13.98 11.77 -16.74
C ALA C 256 -13.31 13.13 -16.56
N GLY C 257 -12.25 13.16 -15.76
CA GLY C 257 -11.47 14.39 -15.57
C GLY C 257 -10.74 14.81 -16.82
N ALA C 258 -10.19 13.82 -17.53
CA ALA C 258 -9.48 14.07 -18.78
C ALA C 258 -10.43 14.61 -19.84
N ARG C 259 -11.61 13.98 -19.96
CA ARG C 259 -12.62 14.44 -20.92
C ARG C 259 -13.02 15.90 -20.67
N PHE C 260 -13.25 16.25 -19.40
CA PHE C 260 -13.62 17.61 -19.07
C PHE C 260 -12.53 18.60 -19.41
N VAL C 261 -11.28 18.28 -19.07
CA VAL C 261 -10.16 19.16 -19.37
C VAL C 261 -9.99 19.32 -20.88
N PHE C 262 -10.12 18.22 -21.62
CA PHE C 262 -10.04 18.28 -23.08
C PHE C 262 -11.14 19.18 -23.66
N SER C 263 -12.37 19.02 -23.17
CA SER C 263 -13.48 19.87 -23.59
C SER C 263 -13.16 21.33 -23.37
N LEU C 264 -12.69 21.62 -22.17
CA LEU C 264 -12.33 22.97 -21.76
C LEU C 264 -11.18 23.54 -22.60
N VAL C 265 -10.15 22.74 -22.83
CA VAL C 265 -8.99 23.18 -23.61
C VAL C 265 -9.35 23.35 -25.09
N ASP C 266 -10.18 22.45 -25.62
CA ASP C 266 -10.71 22.59 -26.98
C ASP C 266 -11.40 23.94 -27.15
N ALA C 267 -12.29 24.26 -26.21
CA ALA C 267 -13.05 25.51 -26.26
C ALA C 267 -12.13 26.73 -26.15
N MET C 268 -11.07 26.60 -25.35
CA MET C 268 -10.09 27.68 -25.21
C MET C 268 -9.31 27.92 -26.52
N ASN C 269 -9.18 26.89 -27.35
CA ASN C 269 -8.61 27.03 -28.69
C ASN C 269 -9.65 27.45 -29.75
N GLY C 270 -10.86 27.78 -29.31
CA GLY C 270 -11.89 28.30 -30.18
C GLY C 270 -12.76 27.25 -30.85
N LYS C 271 -12.79 26.04 -30.29
CA LYS C 271 -13.68 25.01 -30.80
C LYS C 271 -15.11 25.35 -30.36
N GLU C 272 -16.06 25.09 -31.24
CA GLU C 272 -17.44 25.54 -31.04
C GLU C 272 -18.35 24.37 -30.71
N GLY C 273 -19.37 24.63 -29.91
CA GLY C 273 -20.39 23.64 -29.58
C GLY C 273 -19.99 22.69 -28.47
N VAL C 274 -18.99 23.07 -27.69
CA VAL C 274 -18.48 22.23 -26.60
C VAL C 274 -19.34 22.47 -25.36
N VAL C 275 -20.07 21.44 -24.95
CA VAL C 275 -21.00 21.51 -23.83
C VAL C 275 -20.63 20.45 -22.81
N GLU C 276 -20.49 20.87 -21.55
CA GLU C 276 -20.32 19.94 -20.42
C GLU C 276 -21.12 20.42 -19.22
N CYS C 277 -21.70 19.46 -18.51
CA CYS C 277 -22.30 19.75 -17.21
C CYS C 277 -21.16 19.94 -16.23
N SER C 278 -21.32 20.90 -15.31
CA SER C 278 -20.30 21.15 -14.30
C SER C 278 -20.87 21.98 -13.16
N PHE C 279 -20.43 21.69 -11.95
CA PHE C 279 -20.92 22.35 -10.75
C PHE C 279 -20.21 23.70 -10.62
N VAL C 280 -20.97 24.77 -10.90
CA VAL C 280 -20.39 26.12 -11.01
C VAL C 280 -21.24 27.17 -10.29
N LYS C 281 -20.69 28.37 -10.14
CA LYS C 281 -21.46 29.52 -9.65
C LYS C 281 -22.68 29.66 -10.56
N SER C 282 -23.87 29.67 -9.97
CA SER C 282 -25.11 29.54 -10.73
C SER C 282 -26.19 30.51 -10.28
N GLN C 283 -27.02 30.92 -11.24
CA GLN C 283 -28.21 31.72 -10.97
C GLN C 283 -29.44 31.04 -11.58
N GLU C 284 -29.43 29.71 -11.55
CA GLU C 284 -30.50 28.89 -12.15
C GLU C 284 -31.57 28.49 -11.13
N THR C 285 -31.18 28.41 -9.86
CA THR C 285 -32.07 28.06 -8.75
C THR C 285 -31.71 28.93 -7.56
N GLU C 286 -32.35 28.70 -6.42
CA GLU C 286 -32.00 29.41 -5.18
C GLU C 286 -30.63 28.98 -4.62
N CYS C 287 -30.04 27.92 -5.18
CA CYS C 287 -28.67 27.51 -4.83
C CYS C 287 -27.65 28.42 -5.51
N THR C 288 -26.75 28.99 -4.72
CA THR C 288 -25.67 29.82 -5.27
C THR C 288 -24.70 29.05 -6.18
N TYR C 289 -24.55 27.75 -5.93
CA TYR C 289 -23.80 26.86 -6.83
C TYR C 289 -24.67 25.68 -7.24
N PHE C 290 -24.54 25.28 -8.51
CA PHE C 290 -25.41 24.27 -9.10
C PHE C 290 -24.79 23.79 -10.40
N SER C 291 -25.02 22.52 -10.72
CA SER C 291 -24.51 21.96 -11.97
C SER C 291 -25.59 21.95 -13.04
N THR C 292 -25.23 22.43 -14.23
CA THR C 292 -26.09 22.38 -15.41
C THR C 292 -25.19 22.29 -16.63
N PRO C 293 -25.76 21.93 -17.79
CA PRO C 293 -24.99 21.96 -19.03
C PRO C 293 -24.45 23.36 -19.31
N LEU C 294 -23.15 23.46 -19.57
CA LEU C 294 -22.50 24.73 -19.83
C LEU C 294 -21.86 24.73 -21.20
N LEU C 295 -22.10 25.79 -21.97
CA LEU C 295 -21.37 26.02 -23.22
C LEU C 295 -20.03 26.61 -22.84
N LEU C 296 -18.95 25.97 -23.29
CA LEU C 296 -17.61 26.42 -22.96
C LEU C 296 -17.04 27.23 -24.09
N GLY C 297 -16.20 28.21 -23.76
CA GLY C 297 -15.54 29.04 -24.76
C GLY C 297 -14.17 29.51 -24.30
N LYS C 298 -13.62 30.50 -24.99
CA LYS C 298 -12.28 31.02 -24.71
C LYS C 298 -12.16 31.60 -23.29
N LYS C 299 -13.24 32.21 -22.81
CA LYS C 299 -13.24 32.84 -21.49
C LYS C 299 -13.51 31.84 -20.35
N GLY C 300 -13.88 30.61 -20.70
CA GLY C 300 -14.33 29.62 -19.74
C GLY C 300 -15.78 29.29 -20.01
N ILE C 301 -16.66 29.65 -19.06
CA ILE C 301 -18.09 29.51 -19.27
C ILE C 301 -18.54 30.57 -20.28
N GLU C 302 -18.96 30.11 -21.46
CA GLU C 302 -19.49 31.00 -22.49
C GLU C 302 -20.93 31.35 -22.13
N LYS C 303 -21.71 30.32 -21.84
CA LYS C 303 -23.10 30.49 -21.45
C LYS C 303 -23.56 29.29 -20.62
N ASN C 304 -24.16 29.56 -19.47
CA ASN C 304 -24.86 28.54 -18.71
C ASN C 304 -26.15 28.23 -19.46
N LEU C 305 -26.25 27.00 -19.97
CA LEU C 305 -27.41 26.60 -20.77
C LEU C 305 -28.63 26.25 -19.91
N GLY C 306 -28.47 26.28 -18.59
CA GLY C 306 -29.59 26.13 -17.67
C GLY C 306 -30.15 24.73 -17.57
N ILE C 307 -31.18 24.60 -16.72
CA ILE C 307 -31.85 23.32 -16.48
C ILE C 307 -32.72 22.91 -17.67
N GLY C 308 -33.51 23.85 -18.17
CA GLY C 308 -34.39 23.60 -19.31
C GLY C 308 -35.66 22.88 -18.93
N LYS C 309 -36.40 22.41 -19.94
CA LYS C 309 -37.66 21.70 -19.74
C LYS C 309 -37.41 20.29 -19.19
N VAL C 310 -38.07 19.97 -18.08
CA VAL C 310 -37.89 18.70 -17.37
C VAL C 310 -39.23 18.06 -17.00
N SER C 311 -39.20 16.78 -16.67
CA SER C 311 -40.39 16.05 -16.25
C SER C 311 -40.77 16.39 -14.82
N SER C 312 -41.98 15.98 -14.41
CA SER C 312 -42.44 16.16 -13.04
C SER C 312 -41.56 15.40 -12.05
N PHE C 313 -41.21 14.17 -12.43
CA PHE C 313 -40.27 13.33 -11.68
C PHE C 313 -38.96 14.08 -11.45
N GLU C 314 -38.39 14.62 -12.52
CA GLU C 314 -37.14 15.36 -12.45
C GLU C 314 -37.27 16.64 -11.60
N GLU C 315 -38.36 17.37 -11.78
CA GLU C 315 -38.64 18.57 -10.98
C GLU C 315 -38.77 18.23 -9.48
N LYS C 316 -39.31 17.06 -9.18
CA LYS C 316 -39.41 16.58 -7.78
C LYS C 316 -38.00 16.38 -7.21
N MET C 317 -37.13 15.73 -7.96
CA MET C 317 -35.73 15.53 -7.53
C MET C 317 -34.99 16.85 -7.33
N ILE C 318 -35.18 17.81 -8.23
CA ILE C 318 -34.56 19.12 -8.07
C ILE C 318 -34.98 19.76 -6.75
N SER C 319 -36.29 19.74 -6.49
CA SER C 319 -36.84 20.28 -5.25
C SER C 319 -36.28 19.58 -4.01
N ASP C 320 -36.20 18.26 -4.05
CA ASP C 320 -35.66 17.47 -2.92
C ASP C 320 -34.18 17.73 -2.64
N ALA C 321 -33.41 18.08 -3.67
CA ALA C 321 -31.95 18.22 -3.56
C ALA C 321 -31.49 19.55 -2.95
N ILE C 322 -32.28 20.60 -3.16
CA ILE C 322 -31.89 21.97 -2.79
C ILE C 322 -31.48 22.14 -1.31
N PRO C 323 -32.23 21.51 -0.38
CA PRO C 323 -31.82 21.58 1.03
C PRO C 323 -30.39 21.09 1.29
N GLU C 324 -30.05 19.92 0.76
CA GLU C 324 -28.70 19.34 0.96
C GLU C 324 -27.62 20.20 0.30
N LEU C 325 -27.85 20.60 -0.95
CA LEU C 325 -26.90 21.47 -1.66
C LEU C 325 -26.60 22.74 -0.87
N LYS C 326 -27.64 23.43 -0.41
CA LYS C 326 -27.48 24.68 0.35
C LYS C 326 -26.67 24.45 1.63
N ALA C 327 -26.93 23.33 2.29
CA ALA C 327 -26.18 22.96 3.49
C ALA C 327 -24.70 22.68 3.16
N SER C 328 -24.45 22.00 2.04
CA SER C 328 -23.07 21.72 1.60
C SER C 328 -22.33 23.00 1.19
N ILE C 329 -23.04 23.90 0.53
CA ILE C 329 -22.47 25.20 0.13
C ILE C 329 -22.14 26.03 1.36
N LYS C 330 -23.10 26.16 2.26
CA LYS C 330 -22.91 26.91 3.52
C LYS C 330 -21.71 26.36 4.31
N LYS C 331 -21.66 25.04 4.43
CA LYS C 331 -20.55 24.35 5.10
C LYS C 331 -19.19 24.77 4.54
N GLY C 332 -19.07 24.82 3.21
CA GLY C 332 -17.84 25.22 2.55
C GLY C 332 -17.50 26.69 2.73
N GLU C 333 -18.50 27.56 2.62
CA GLU C 333 -18.33 28.99 2.83
C GLU C 333 -17.90 29.28 4.27
N ASP C 334 -18.58 28.65 5.23
CA ASP C 334 -18.26 28.80 6.65
C ASP C 334 -16.84 28.32 6.99
N PHE C 335 -16.38 27.28 6.31
CA PHE C 335 -15.03 26.78 6.52
C PHE C 335 -13.97 27.84 6.22
N VAL C 336 -14.17 28.57 5.12
CA VAL C 336 -13.24 29.61 4.71
C VAL C 336 -13.30 30.83 5.65
N LYS C 337 -14.46 31.06 6.26
CA LYS C 337 -14.64 32.13 7.25
C LYS C 337 -13.60 32.09 8.37
N THR C 338 -13.23 30.90 8.81
CA THR C 338 -12.39 30.71 10.00
C THR C 338 -10.88 30.74 9.73
N LEU C 339 -10.46 31.01 8.50
CA LEU C 339 -9.04 31.02 8.14
C LEU C 339 -8.46 32.44 8.25
N ASN D 26 -14.18 -5.80 -32.95
CA ASN D 26 -14.87 -6.73 -31.99
C ASN D 26 -13.91 -7.68 -31.27
N ALA D 27 -12.68 -7.22 -31.04
CA ALA D 27 -11.65 -8.05 -30.45
C ALA D 27 -11.91 -8.28 -28.96
N LYS D 28 -11.72 -9.52 -28.52
CA LYS D 28 -11.71 -9.83 -27.08
C LYS D 28 -10.26 -9.89 -26.60
N VAL D 29 -9.93 -9.02 -25.64
CA VAL D 29 -8.58 -8.88 -25.14
C VAL D 29 -8.55 -9.19 -23.64
N ALA D 30 -7.70 -10.13 -23.24
CA ALA D 30 -7.50 -10.44 -21.83
C ALA D 30 -6.23 -9.77 -21.34
N VAL D 31 -6.29 -9.22 -20.13
CA VAL D 31 -5.14 -8.59 -19.47
C VAL D 31 -4.82 -9.40 -18.22
N LEU D 32 -3.69 -10.10 -18.24
CA LEU D 32 -3.26 -10.92 -17.10
C LEU D 32 -2.30 -10.10 -16.24
N GLY D 33 -2.75 -9.76 -15.03
CA GLY D 33 -2.03 -8.82 -14.16
C GLY D 33 -2.65 -7.44 -14.20
N ALA D 34 -3.98 -7.40 -14.26
CA ALA D 34 -4.73 -6.17 -14.51
C ALA D 34 -4.83 -5.23 -13.32
N SER D 35 -4.54 -5.72 -12.12
CA SER D 35 -4.62 -4.90 -10.90
C SER D 35 -3.30 -4.22 -10.53
N GLY D 36 -2.22 -4.56 -11.24
CA GLY D 36 -0.90 -3.99 -10.95
C GLY D 36 -0.69 -2.58 -11.47
N GLY D 37 0.52 -2.06 -11.26
CA GLY D 37 0.87 -0.70 -11.66
C GLY D 37 0.77 -0.46 -13.17
N ILE D 38 1.14 -1.45 -13.96
CA ILE D 38 1.01 -1.39 -15.42
C ILE D 38 -0.40 -1.82 -15.83
N GLY D 39 -0.88 -2.89 -15.22
CA GLY D 39 -2.19 -3.47 -15.54
C GLY D 39 -3.35 -2.48 -15.53
N GLN D 40 -3.43 -1.65 -14.50
CA GLN D 40 -4.59 -0.75 -14.34
C GLN D 40 -4.68 0.33 -15.42
N PRO D 41 -3.60 1.11 -15.64
CA PRO D 41 -3.63 2.08 -16.75
C PRO D 41 -3.73 1.42 -18.14
N LEU D 42 -3.10 0.26 -18.32
CA LEU D 42 -3.19 -0.46 -19.59
C LEU D 42 -4.63 -0.87 -19.88
N SER D 43 -5.33 -1.35 -18.85
CA SER D 43 -6.73 -1.71 -18.97
C SER D 43 -7.59 -0.49 -19.31
N LEU D 44 -7.28 0.65 -18.68
CA LEU D 44 -7.96 1.90 -18.97
C LEU D 44 -7.81 2.27 -20.45
N LEU D 45 -6.59 2.22 -20.97
CA LEU D 45 -6.33 2.55 -22.39
C LEU D 45 -7.05 1.60 -23.33
N LEU D 46 -7.09 0.31 -22.98
CA LEU D 46 -7.80 -0.68 -23.78
C LEU D 46 -9.32 -0.46 -23.74
N LYS D 47 -9.85 -0.14 -22.56
CA LYS D 47 -11.27 0.17 -22.39
C LYS D 47 -11.69 1.37 -23.24
N ASN D 48 -10.82 2.37 -23.32
CA ASN D 48 -11.09 3.58 -24.11
C ASN D 48 -11.07 3.37 -25.63
N SER D 49 -10.54 2.25 -26.10
CA SER D 49 -10.36 2.01 -27.54
C SER D 49 -11.61 1.47 -28.22
N PRO D 50 -11.91 1.95 -29.44
CA PRO D 50 -13.01 1.40 -30.23
C PRO D 50 -12.72 0.03 -30.84
N LEU D 51 -11.45 -0.41 -30.80
CA LEU D 51 -11.06 -1.71 -31.34
C LEU D 51 -11.43 -2.89 -30.42
N VAL D 52 -11.76 -2.61 -29.17
CA VAL D 52 -12.02 -3.66 -28.18
C VAL D 52 -13.52 -3.74 -27.87
N SER D 53 -14.07 -4.96 -27.91
CA SER D 53 -15.49 -5.17 -27.58
C SER D 53 -15.69 -5.99 -26.31
N ARG D 54 -14.72 -6.84 -25.97
CA ARG D 54 -14.71 -7.53 -24.66
C ARG D 54 -13.34 -7.35 -24.01
N LEU D 55 -13.35 -6.90 -22.75
CA LEU D 55 -12.13 -6.71 -21.98
C LEU D 55 -12.24 -7.50 -20.69
N THR D 56 -11.57 -8.65 -20.63
CA THR D 56 -11.55 -9.45 -19.42
C THR D 56 -10.26 -9.21 -18.67
N LEU D 57 -10.38 -9.08 -17.35
CA LEU D 57 -9.27 -8.66 -16.49
C LEU D 57 -8.99 -9.76 -15.48
N TYR D 58 -7.71 -10.12 -15.34
CA TYR D 58 -7.33 -11.16 -14.40
C TYR D 58 -6.23 -10.71 -13.45
N ASP D 59 -6.42 -11.04 -12.18
CA ASP D 59 -5.37 -10.90 -11.18
C ASP D 59 -5.70 -11.78 -9.97
N ILE D 60 -4.85 -11.75 -8.96
CA ILE D 60 -5.07 -12.52 -7.74
C ILE D 60 -5.64 -11.67 -6.60
N ALA D 61 -5.80 -10.37 -6.86
CA ALA D 61 -6.44 -9.46 -5.91
C ALA D 61 -6.95 -8.20 -6.64
N HIS D 62 -8.02 -7.62 -6.11
CA HIS D 62 -8.54 -6.30 -6.51
C HIS D 62 -9.20 -6.22 -7.90
N THR D 63 -9.22 -7.32 -8.64
CA THR D 63 -9.73 -7.30 -10.01
C THR D 63 -11.20 -6.87 -10.12
N PRO D 64 -12.07 -7.35 -9.20
CA PRO D 64 -13.48 -6.95 -9.28
C PRO D 64 -13.72 -5.44 -9.11
N GLY D 65 -12.92 -4.79 -8.27
CA GLY D 65 -13.01 -3.35 -8.07
C GLY D 65 -12.52 -2.57 -9.27
N VAL D 66 -11.47 -3.08 -9.92
CA VAL D 66 -10.90 -2.47 -11.12
C VAL D 66 -11.88 -2.56 -12.29
N ALA D 67 -12.49 -3.74 -12.48
CA ALA D 67 -13.48 -3.94 -13.53
C ALA D 67 -14.72 -3.07 -13.30
N ALA D 68 -15.18 -3.01 -12.05
CA ALA D 68 -16.33 -2.17 -11.70
C ALA D 68 -16.05 -0.71 -12.07
N ASP D 69 -14.90 -0.23 -11.61
CA ASP D 69 -14.38 1.10 -11.95
C ASP D 69 -14.45 1.36 -13.46
N LEU D 70 -13.79 0.50 -14.23
CA LEU D 70 -13.68 0.68 -15.68
C LEU D 70 -15.00 0.48 -16.42
N SER D 71 -15.91 -0.33 -15.88
CA SER D 71 -17.20 -0.63 -16.55
C SER D 71 -18.13 0.59 -16.64
N HIS D 72 -17.82 1.64 -15.89
CA HIS D 72 -18.61 2.87 -15.90
C HIS D 72 -18.25 3.79 -17.06
N ILE D 73 -17.11 3.52 -17.72
CA ILE D 73 -16.63 4.35 -18.83
C ILE D 73 -17.46 4.14 -20.10
N GLU D 74 -17.81 5.27 -20.73
CA GLU D 74 -18.76 5.34 -21.85
C GLU D 74 -18.23 4.83 -23.20
N THR D 75 -17.73 3.59 -23.21
CA THR D 75 -17.29 2.94 -24.44
C THR D 75 -17.92 1.56 -24.53
N LYS D 76 -17.83 0.92 -25.69
CA LYS D 76 -18.60 -0.32 -25.91
C LYS D 76 -18.02 -1.57 -25.24
N ALA D 77 -16.70 -1.60 -25.03
CA ALA D 77 -16.04 -2.77 -24.45
C ALA D 77 -16.71 -3.24 -23.16
N ALA D 78 -17.20 -4.47 -23.15
CA ALA D 78 -17.78 -5.05 -21.95
C ALA D 78 -16.64 -5.52 -21.06
N VAL D 79 -16.58 -5.01 -19.82
CA VAL D 79 -15.50 -5.34 -18.89
C VAL D 79 -15.95 -6.36 -17.85
N LYS D 80 -15.07 -7.32 -17.56
CA LYS D 80 -15.31 -8.33 -16.54
C LYS D 80 -14.01 -8.59 -15.78
N GLY D 81 -14.08 -8.58 -14.44
CA GLY D 81 -12.93 -8.84 -13.59
C GLY D 81 -12.96 -10.27 -13.04
N TYR D 82 -11.85 -10.98 -13.22
CA TYR D 82 -11.71 -12.35 -12.73
C TYR D 82 -10.61 -12.41 -11.68
N LEU D 83 -10.82 -13.27 -10.68
CA LEU D 83 -10.00 -13.29 -9.48
C LEU D 83 -9.64 -14.72 -9.10
N GLY D 84 -8.34 -15.02 -9.10
CA GLY D 84 -7.84 -16.32 -8.64
C GLY D 84 -7.75 -17.39 -9.73
N PRO D 85 -6.82 -18.36 -9.56
CA PRO D 85 -6.51 -19.37 -10.58
C PRO D 85 -7.71 -20.11 -11.18
N GLU D 86 -8.69 -20.48 -10.35
CA GLU D 86 -9.84 -21.24 -10.84
C GLU D 86 -10.75 -20.45 -11.79
N GLN D 87 -10.65 -19.13 -11.78
CA GLN D 87 -11.40 -18.28 -12.71
C GLN D 87 -10.62 -17.91 -13.98
N LEU D 88 -9.38 -18.38 -14.08
CA LEU D 88 -8.52 -18.03 -15.21
C LEU D 88 -9.02 -18.57 -16.56
N PRO D 89 -9.55 -19.81 -16.58
CA PRO D 89 -10.11 -20.35 -17.84
C PRO D 89 -11.25 -19.49 -18.42
N ASP D 90 -12.20 -19.10 -17.57
CA ASP D 90 -13.31 -18.24 -17.98
C ASP D 90 -12.82 -16.90 -18.54
N CYS D 91 -11.78 -16.33 -17.93
CA CYS D 91 -11.19 -15.08 -18.38
C CYS D 91 -10.57 -15.21 -19.77
N LEU D 92 -10.04 -16.39 -20.10
CA LEU D 92 -9.27 -16.59 -21.32
C LEU D 92 -10.07 -17.10 -22.52
N LYS D 93 -11.18 -17.80 -22.27
CA LYS D 93 -11.92 -18.46 -23.35
C LYS D 93 -12.42 -17.50 -24.42
N GLY D 94 -12.14 -17.83 -25.67
CA GLY D 94 -12.53 -17.01 -26.82
C GLY D 94 -11.71 -15.74 -27.01
N CYS D 95 -10.59 -15.60 -26.31
CA CYS D 95 -9.74 -14.41 -26.43
C CYS D 95 -9.05 -14.35 -27.79
N ASP D 96 -8.95 -13.16 -28.36
CA ASP D 96 -8.19 -12.92 -29.58
C ASP D 96 -6.77 -12.49 -29.25
N VAL D 97 -6.63 -11.70 -28.18
CA VAL D 97 -5.34 -11.20 -27.73
C VAL D 97 -5.25 -11.36 -26.21
N VAL D 98 -4.08 -11.77 -25.73
CA VAL D 98 -3.79 -11.80 -24.31
C VAL D 98 -2.57 -10.90 -24.10
N VAL D 99 -2.70 -9.91 -23.21
CA VAL D 99 -1.57 -9.10 -22.76
C VAL D 99 -1.19 -9.52 -21.34
N ILE D 100 0.11 -9.59 -21.08
CA ILE D 100 0.62 -10.05 -19.80
C ILE D 100 1.57 -9.02 -19.20
N PRO D 101 1.01 -7.96 -18.57
CA PRO D 101 1.80 -7.04 -17.75
C PRO D 101 2.12 -7.59 -16.35
N ALA D 102 1.51 -8.72 -15.97
CA ALA D 102 1.78 -9.36 -14.68
C ALA D 102 3.27 -9.50 -14.42
N GLY D 103 3.68 -9.20 -13.19
CA GLY D 103 5.08 -9.37 -12.80
C GLY D 103 5.50 -8.40 -11.72
N VAL D 104 6.55 -8.77 -11.00
CA VAL D 104 7.12 -7.92 -9.98
C VAL D 104 8.02 -6.88 -10.66
N PRO D 105 7.95 -5.62 -10.24
CA PRO D 105 8.79 -4.57 -10.83
C PRO D 105 10.16 -4.45 -10.17
N ARG D 106 11.11 -3.86 -10.89
CA ARG D 106 12.43 -3.57 -10.33
C ARG D 106 12.42 -2.49 -9.25
N LYS D 107 13.30 -2.65 -8.27
CA LYS D 107 13.63 -1.59 -7.32
C LYS D 107 15.07 -1.12 -7.62
N PRO D 108 15.46 0.05 -7.08
CA PRO D 108 16.79 0.60 -7.34
C PRO D 108 17.94 -0.38 -7.11
N GLY D 109 18.86 -0.45 -8.07
CA GLY D 109 19.99 -1.36 -8.01
C GLY D 109 19.80 -2.65 -8.77
N MET D 110 18.56 -3.09 -8.95
CA MET D 110 18.31 -4.40 -9.55
C MET D 110 18.52 -4.45 -11.05
N THR D 111 18.86 -5.64 -11.54
CA THR D 111 18.74 -5.95 -12.94
C THR D 111 17.35 -6.53 -13.14
N ARG D 112 16.92 -6.58 -14.40
CA ARG D 112 15.66 -7.22 -14.74
C ARG D 112 15.74 -8.72 -14.43
N ASP D 113 16.94 -9.28 -14.51
CA ASP D 113 17.16 -10.70 -14.28
C ASP D 113 17.01 -11.09 -12.80
N ASP D 114 17.17 -10.12 -11.89
CA ASP D 114 16.88 -10.36 -10.48
C ASP D 114 15.43 -10.79 -10.25
N LEU D 115 14.55 -10.41 -11.18
CA LEU D 115 13.14 -10.78 -11.12
C LEU D 115 12.84 -12.01 -11.95
N PHE D 116 13.88 -12.70 -12.42
CA PHE D 116 13.69 -13.88 -13.28
C PHE D 116 12.85 -14.93 -12.57
N ASN D 117 13.25 -15.31 -11.37
CA ASN D 117 12.58 -16.40 -10.67
C ASN D 117 11.09 -16.14 -10.48
N THR D 118 10.71 -14.93 -10.06
CA THR D 118 9.30 -14.61 -9.84
C THR D 118 8.53 -14.63 -11.15
N ASN D 119 9.02 -13.82 -12.09
CA ASN D 119 8.28 -13.54 -13.31
C ASN D 119 8.27 -14.73 -14.27
N ALA D 120 9.34 -15.53 -14.24
CA ALA D 120 9.37 -16.78 -15.01
C ALA D 120 8.28 -17.75 -14.57
N THR D 121 8.09 -17.91 -13.26
CA THR D 121 7.01 -18.79 -12.75
C THR D 121 5.63 -18.21 -13.05
N ILE D 122 5.50 -16.89 -12.97
CA ILE D 122 4.27 -16.20 -13.34
C ILE D 122 3.95 -16.37 -14.82
N VAL D 123 4.95 -16.12 -15.67
CA VAL D 123 4.77 -16.25 -17.12
C VAL D 123 4.48 -17.69 -17.54
N ALA D 124 5.20 -18.66 -16.96
CA ALA D 124 4.97 -20.07 -17.29
C ALA D 124 3.58 -20.54 -16.87
N THR D 125 3.13 -20.10 -15.71
CA THR D 125 1.79 -20.45 -15.21
C THR D 125 0.68 -19.83 -16.07
N LEU D 126 0.81 -18.53 -16.34
CA LEU D 126 -0.20 -17.82 -17.13
C LEU D 126 -0.23 -18.28 -18.59
N THR D 127 0.94 -18.49 -19.19
CA THR D 127 0.98 -18.92 -20.60
C THR D 127 0.53 -20.38 -20.75
N ALA D 128 0.74 -21.21 -19.73
CA ALA D 128 0.19 -22.56 -19.72
C ALA D 128 -1.34 -22.52 -19.80
N ALA D 129 -1.94 -21.63 -19.00
CA ALA D 129 -3.39 -21.41 -19.03
C ALA D 129 -3.87 -20.93 -20.41
N CYS D 130 -3.06 -20.10 -21.07
CA CYS D 130 -3.38 -19.65 -22.42
C CYS D 130 -3.35 -20.82 -23.41
N ALA D 131 -2.26 -21.59 -23.37
CA ALA D 131 -2.10 -22.73 -24.28
C ALA D 131 -3.29 -23.69 -24.20
N GLN D 132 -3.83 -23.90 -23.00
CA GLN D 132 -4.98 -24.79 -22.81
C GLN D 132 -6.29 -24.17 -23.26
N HIS D 133 -6.49 -22.88 -22.92
CA HIS D 133 -7.82 -22.27 -23.00
C HIS D 133 -8.02 -21.26 -24.13
N CYS D 134 -6.93 -20.68 -24.66
CA CYS D 134 -7.02 -19.87 -25.88
C CYS D 134 -5.74 -20.02 -26.71
N PRO D 135 -5.46 -21.26 -27.16
CA PRO D 135 -4.23 -21.54 -27.89
C PRO D 135 -4.06 -20.71 -29.17
N GLU D 136 -5.16 -20.25 -29.73
CA GLU D 136 -5.14 -19.51 -31.00
C GLU D 136 -4.87 -18.00 -30.82
N ALA D 137 -4.97 -17.49 -29.60
CA ALA D 137 -4.86 -16.05 -29.34
C ALA D 137 -3.44 -15.51 -29.56
N MET D 138 -3.32 -14.21 -29.80
CA MET D 138 -2.02 -13.55 -29.84
C MET D 138 -1.56 -13.37 -28.40
N ILE D 139 -0.31 -13.73 -28.13
CA ILE D 139 0.25 -13.63 -26.78
C ILE D 139 1.28 -12.50 -26.76
N CYS D 140 0.92 -11.42 -26.07
CA CYS D 140 1.78 -10.26 -25.95
C CYS D 140 2.33 -10.19 -24.52
N VAL D 141 3.61 -10.54 -24.36
CA VAL D 141 4.24 -10.60 -23.04
C VAL D 141 4.98 -9.30 -22.75
N ILE D 142 4.58 -8.66 -21.65
CA ILE D 142 5.24 -7.47 -21.13
C ILE D 142 6.20 -7.85 -19.99
N ALA D 143 5.80 -8.84 -19.20
CA ALA D 143 6.58 -9.30 -18.04
C ALA D 143 8.05 -9.48 -18.35
N ASN D 144 8.90 -8.88 -17.53
CA ASN D 144 10.35 -8.95 -17.72
C ASN D 144 11.00 -10.04 -16.86
N PRO D 145 12.21 -10.50 -17.24
CA PRO D 145 12.98 -10.10 -18.42
C PRO D 145 12.44 -10.70 -19.72
N VAL D 146 12.01 -9.84 -20.64
CA VAL D 146 11.44 -10.26 -21.93
C VAL D 146 12.38 -11.20 -22.70
N ASN D 147 13.68 -10.93 -22.61
CA ASN D 147 14.68 -11.78 -23.26
C ASN D 147 14.60 -13.25 -22.84
N SER D 148 14.08 -13.52 -21.64
CA SER D 148 13.86 -14.88 -21.17
C SER D 148 12.38 -15.29 -21.17
N THR D 149 11.47 -14.37 -20.85
CA THR D 149 10.06 -14.74 -20.69
C THR D 149 9.37 -15.12 -22.01
N ILE D 150 9.90 -14.65 -23.13
CA ILE D 150 9.39 -15.04 -24.45
C ILE D 150 9.80 -16.47 -24.80
N PRO D 151 11.10 -16.80 -24.66
CA PRO D 151 11.48 -18.21 -24.75
C PRO D 151 10.63 -19.10 -23.84
N ILE D 152 10.40 -18.66 -22.61
CA ILE D 152 9.55 -19.40 -21.68
C ILE D 152 8.16 -19.64 -22.27
N THR D 153 7.52 -18.58 -22.76
CA THR D 153 6.20 -18.67 -23.38
C THR D 153 6.17 -19.66 -24.54
N ALA D 154 7.18 -19.58 -25.41
CA ALA D 154 7.25 -20.43 -26.59
C ALA D 154 7.36 -21.91 -26.22
N GLU D 155 8.25 -22.20 -25.27
CA GLU D 155 8.46 -23.57 -24.80
C GLU D 155 7.21 -24.16 -24.13
N VAL D 156 6.51 -23.34 -23.35
CA VAL D 156 5.27 -23.79 -22.71
C VAL D 156 4.21 -24.15 -23.75
N PHE D 157 4.08 -23.33 -24.79
CA PHE D 157 3.17 -23.61 -25.90
C PHE D 157 3.59 -24.88 -26.67
N LYS D 158 4.91 -25.08 -26.81
CA LYS D 158 5.45 -26.31 -27.41
C LYS D 158 5.05 -27.56 -26.62
N LYS D 159 5.17 -27.51 -25.30
CA LYS D 159 4.83 -28.66 -24.45
C LYS D 159 3.36 -29.04 -24.55
N HIS D 160 2.48 -28.06 -24.80
CA HIS D 160 1.07 -28.33 -25.03
C HIS D 160 0.76 -28.65 -26.50
N GLY D 161 1.79 -28.60 -27.34
CA GLY D 161 1.67 -28.92 -28.77
C GLY D 161 0.89 -27.92 -29.60
N VAL D 162 0.78 -26.68 -29.12
CA VAL D 162 -0.02 -25.65 -29.79
C VAL D 162 0.86 -24.48 -30.23
N TYR D 163 2.11 -24.80 -30.57
CA TYR D 163 3.12 -23.77 -30.81
C TYR D 163 2.92 -23.09 -32.18
N ASN D 164 2.83 -21.76 -32.14
CA ASN D 164 2.73 -20.94 -33.33
C ASN D 164 3.68 -19.73 -33.18
N PRO D 165 4.85 -19.78 -33.83
CA PRO D 165 5.82 -18.68 -33.68
C PRO D 165 5.32 -17.32 -34.17
N ASN D 166 4.32 -17.31 -35.05
CA ASN D 166 3.78 -16.04 -35.57
C ASN D 166 2.85 -15.27 -34.61
N LYS D 167 2.51 -15.87 -33.47
CA LYS D 167 1.53 -15.26 -32.54
C LYS D 167 2.08 -14.94 -31.14
N ILE D 168 3.39 -15.10 -30.93
CA ILE D 168 4.01 -14.85 -29.62
C ILE D 168 4.92 -13.63 -29.71
N PHE D 169 4.56 -12.56 -29.00
CA PHE D 169 5.27 -11.29 -29.07
C PHE D 169 5.82 -10.83 -27.73
N GLY D 170 7.11 -10.53 -27.69
CA GLY D 170 7.73 -9.86 -26.55
C GLY D 170 7.66 -8.37 -26.78
N VAL D 171 6.88 -7.68 -25.94
CA VAL D 171 6.58 -6.28 -26.17
C VAL D 171 7.78 -5.40 -25.80
N THR D 172 8.49 -4.94 -26.83
CA THR D 172 9.66 -4.06 -26.68
C THR D 172 9.32 -2.61 -27.03
N THR D 173 8.03 -2.35 -27.27
CA THR D 173 7.56 -1.09 -27.84
C THR D 173 8.01 0.14 -27.05
N LEU D 174 8.18 -0.01 -25.74
CA LEU D 174 8.63 1.10 -24.91
C LEU D 174 10.02 1.61 -25.31
N ASP D 175 10.89 0.71 -25.77
CA ASP D 175 12.22 1.10 -26.25
C ASP D 175 12.12 2.02 -27.47
N ILE D 176 11.21 1.65 -28.40
CA ILE D 176 10.96 2.47 -29.58
C ILE D 176 10.41 3.82 -29.15
N VAL D 177 9.43 3.78 -28.24
CA VAL D 177 8.76 4.99 -27.74
C VAL D 177 9.78 5.94 -27.11
N ARG D 178 10.67 5.41 -26.28
CA ARG D 178 11.72 6.21 -25.65
C ARG D 178 12.69 6.78 -26.68
N ALA D 179 13.12 5.95 -27.62
CA ALA D 179 14.04 6.38 -28.68
C ALA D 179 13.47 7.56 -29.46
N ASN D 180 12.18 7.46 -29.82
CA ASN D 180 11.50 8.53 -30.55
C ASN D 180 11.50 9.83 -29.76
N THR D 181 11.12 9.74 -28.49
CA THR D 181 11.08 10.90 -27.60
C THR D 181 12.45 11.57 -27.47
N PHE D 182 13.50 10.77 -27.25
CA PHE D 182 14.84 11.33 -27.00
C PHE D 182 15.44 11.96 -28.24
N VAL D 183 15.27 11.32 -29.40
CA VAL D 183 15.70 11.89 -30.67
C VAL D 183 14.97 13.20 -30.93
N ALA D 184 13.64 13.18 -30.72
CA ALA D 184 12.81 14.38 -30.90
C ALA D 184 13.26 15.55 -30.02
N GLU D 185 13.53 15.26 -28.75
CA GLU D 185 13.99 16.28 -27.81
C GLU D 185 15.30 16.94 -28.27
N LEU D 186 16.26 16.13 -28.69
CA LEU D 186 17.56 16.65 -29.10
C LEU D 186 17.50 17.47 -30.39
N LYS D 187 16.68 17.03 -31.34
CA LYS D 187 16.54 17.70 -32.64
C LYS D 187 15.38 18.71 -32.69
N GLY D 188 14.69 18.88 -31.57
CA GLY D 188 13.57 19.82 -31.51
C GLY D 188 12.40 19.45 -32.40
N LEU D 189 12.16 18.16 -32.56
CA LEU D 189 11.05 17.66 -33.38
C LEU D 189 9.87 17.27 -32.52
N ASP D 190 8.72 17.01 -33.16
CA ASP D 190 7.57 16.42 -32.47
C ASP D 190 7.78 14.91 -32.42
N PRO D 191 7.85 14.33 -31.21
CA PRO D 191 8.02 12.87 -31.07
C PRO D 191 7.03 12.02 -31.88
N ALA D 192 5.83 12.52 -32.09
CA ALA D 192 4.80 11.83 -32.88
C ALA D 192 5.20 11.64 -34.35
N ARG D 193 6.09 12.49 -34.85
CA ARG D 193 6.52 12.45 -36.25
C ARG D 193 7.85 11.71 -36.43
N VAL D 194 8.39 11.14 -35.34
CA VAL D 194 9.69 10.47 -35.37
C VAL D 194 9.51 8.97 -35.22
N ASN D 195 10.31 8.21 -35.96
CA ASN D 195 10.25 6.75 -35.90
C ASN D 195 11.64 6.15 -35.92
N VAL D 196 12.01 5.48 -34.83
CA VAL D 196 13.31 4.87 -34.68
C VAL D 196 13.15 3.37 -34.49
N PRO D 197 13.59 2.57 -35.47
CA PRO D 197 13.61 1.13 -35.25
C PRO D 197 14.60 0.76 -34.14
N VAL D 198 14.18 -0.12 -33.25
CA VAL D 198 15.04 -0.60 -32.16
C VAL D 198 15.00 -2.13 -32.18
N ILE D 199 16.18 -2.73 -32.29
CA ILE D 199 16.29 -4.17 -32.46
C ILE D 199 17.09 -4.82 -31.34
N GLY D 200 17.17 -6.16 -31.36
CA GLY D 200 17.91 -6.92 -30.38
C GLY D 200 17.00 -7.55 -29.33
N GLY D 201 17.09 -7.06 -28.09
CA GLY D 201 16.23 -7.52 -27.00
C GLY D 201 15.86 -6.37 -26.07
N HIS D 202 15.31 -6.69 -24.91
CA HIS D 202 14.89 -5.67 -23.94
C HIS D 202 15.64 -5.80 -22.62
N ALA D 203 16.94 -5.46 -22.67
CA ALA D 203 17.78 -5.35 -21.49
C ALA D 203 19.15 -4.75 -21.84
N GLY D 204 19.48 -3.61 -21.23
CA GLY D 204 20.81 -3.02 -21.33
C GLY D 204 21.36 -2.89 -22.74
N LYS D 205 22.51 -3.49 -22.99
CA LYS D 205 23.18 -3.36 -24.29
C LYS D 205 22.57 -4.26 -25.37
N THR D 206 21.61 -5.10 -25.00
CA THR D 206 20.85 -5.86 -26.00
C THR D 206 19.82 -4.94 -26.69
N ILE D 207 19.55 -3.79 -26.10
CA ILE D 207 18.68 -2.78 -26.72
C ILE D 207 19.50 -1.97 -27.72
N ILE D 208 19.20 -2.13 -29.01
CA ILE D 208 19.99 -1.52 -30.07
C ILE D 208 19.14 -0.57 -30.93
N PRO D 209 19.19 0.74 -30.63
CA PRO D 209 18.48 1.73 -31.43
C PRO D 209 19.22 2.05 -32.74
N LEU D 210 18.55 1.81 -33.86
CA LEU D 210 19.12 2.06 -35.17
C LEU D 210 18.84 3.49 -35.60
N ILE D 211 19.64 4.41 -35.09
CA ILE D 211 19.51 5.83 -35.40
C ILE D 211 19.81 6.11 -36.88
N SER D 212 20.58 5.23 -37.52
CA SER D 212 20.86 5.33 -38.94
C SER D 212 19.60 5.16 -39.80
N GLN D 213 18.61 4.41 -39.28
CA GLN D 213 17.35 4.17 -39.98
C GLN D 213 16.20 5.06 -39.51
N CYS D 214 16.52 6.12 -38.77
CA CYS D 214 15.51 7.01 -38.21
C CYS D 214 14.81 7.83 -39.30
N THR D 215 13.50 8.01 -39.14
CA THR D 215 12.71 8.90 -39.97
C THR D 215 12.12 9.99 -39.08
N PRO D 216 12.38 11.27 -39.38
CA PRO D 216 13.23 11.77 -40.47
C PRO D 216 14.68 11.44 -40.24
N LYS D 217 15.51 11.59 -41.26
CA LYS D 217 16.94 11.32 -41.12
C LYS D 217 17.52 12.37 -40.18
N VAL D 218 18.27 11.92 -39.19
CA VAL D 218 18.93 12.80 -38.22
C VAL D 218 20.43 12.54 -38.24
N ASP D 219 21.21 13.62 -38.25
CA ASP D 219 22.67 13.53 -38.21
C ASP D 219 23.16 13.92 -36.81
N PHE D 220 23.74 12.95 -36.11
CA PHE D 220 24.34 13.18 -34.80
C PHE D 220 25.85 12.91 -34.89
N PRO D 221 26.68 13.78 -34.28
CA PRO D 221 28.10 13.42 -34.16
C PRO D 221 28.26 12.27 -33.16
N GLN D 222 29.35 11.51 -33.28
CA GLN D 222 29.48 10.25 -32.57
C GLN D 222 29.34 10.34 -31.05
N ASP D 223 29.86 11.41 -30.45
CA ASP D 223 29.74 11.61 -29.01
C ASP D 223 28.28 11.78 -28.57
N GLN D 224 27.49 12.47 -29.39
CA GLN D 224 26.06 12.63 -29.10
C GLN D 224 25.28 11.35 -29.39
N LEU D 225 25.67 10.65 -30.45
CA LEU D 225 25.07 9.37 -30.79
C LEU D 225 25.24 8.35 -29.67
N THR D 226 26.46 8.29 -29.14
CA THR D 226 26.78 7.37 -28.04
C THR D 226 26.01 7.72 -26.77
N ALA D 227 25.94 9.01 -26.46
CA ALA D 227 25.17 9.50 -25.31
C ALA D 227 23.69 9.21 -25.47
N LEU D 228 23.19 9.38 -26.69
CA LEU D 228 21.78 9.12 -27.01
C LEU D 228 21.48 7.62 -26.91
N THR D 229 22.36 6.79 -27.46
CA THR D 229 22.18 5.34 -27.42
C THR D 229 22.16 4.83 -25.97
N GLY D 230 23.12 5.27 -25.17
CA GLY D 230 23.19 4.91 -23.75
C GLY D 230 21.94 5.30 -22.97
N ARG D 231 21.48 6.52 -23.21
CA ARG D 231 20.24 7.03 -22.61
C ARG D 231 19.07 6.08 -22.89
N ILE D 232 18.94 5.66 -24.14
CA ILE D 232 17.88 4.73 -24.54
C ILE D 232 18.05 3.39 -23.82
N GLN D 233 19.30 2.92 -23.76
CA GLN D 233 19.60 1.62 -23.16
C GLN D 233 19.37 1.57 -21.65
N GLU D 234 19.57 2.69 -20.95
CA GLU D 234 19.41 2.73 -19.50
C GLU D 234 18.13 3.44 -19.03
N ALA D 235 17.23 3.71 -19.97
CA ALA D 235 16.04 4.52 -19.70
C ALA D 235 15.15 3.92 -18.61
N GLY D 236 15.01 2.60 -18.62
CA GLY D 236 14.26 1.91 -17.57
C GLY D 236 14.85 2.10 -16.18
N THR D 237 16.17 2.06 -16.11
CA THR D 237 16.89 2.23 -14.84
C THR D 237 16.73 3.66 -14.32
N GLU D 238 16.70 4.63 -15.23
CA GLU D 238 16.44 6.03 -14.88
C GLU D 238 15.09 6.21 -14.19
N VAL D 239 14.06 5.56 -14.71
CA VAL D 239 12.73 5.64 -14.10
C VAL D 239 12.73 4.96 -12.74
N VAL D 240 13.34 3.77 -12.67
CA VAL D 240 13.46 3.06 -11.39
C VAL D 240 14.15 3.95 -10.36
N LYS D 241 15.24 4.61 -10.74
CA LYS D 241 15.97 5.52 -9.86
C LYS D 241 15.09 6.69 -9.42
N ALA D 242 14.44 7.33 -10.38
CA ALA D 242 13.53 8.46 -10.10
C ALA D 242 12.37 8.08 -9.18
N LYS D 243 11.88 6.84 -9.29
CA LYS D 243 10.80 6.37 -8.40
C LYS D 243 11.29 5.96 -7.01
N ALA D 244 12.61 5.86 -6.85
CA ALA D 244 13.26 5.68 -5.54
C ALA D 244 12.58 4.62 -4.67
N GLY D 245 12.29 3.46 -5.25
CA GLY D 245 11.68 2.36 -4.51
C GLY D 245 10.23 2.09 -4.85
N ALA D 246 9.54 3.04 -5.48
CA ALA D 246 8.13 2.87 -5.82
C ALA D 246 7.92 2.15 -7.16
N GLY D 247 8.81 1.24 -7.52
CA GLY D 247 8.64 0.39 -8.70
C GLY D 247 9.33 0.91 -9.95
N SER D 248 8.85 0.46 -11.11
CA SER D 248 9.44 0.78 -12.40
C SER D 248 8.40 1.48 -13.28
N ALA D 249 8.72 1.69 -14.55
CA ALA D 249 7.79 2.33 -15.49
C ALA D 249 6.44 1.64 -15.49
N THR D 250 5.38 2.42 -15.26
CA THR D 250 4.02 1.89 -15.25
C THR D 250 3.16 2.54 -16.34
N LEU D 251 3.11 3.87 -16.30
CA LEU D 251 2.22 4.66 -17.17
C LEU D 251 2.70 4.67 -18.62
N SER D 252 3.99 4.91 -18.84
CA SER D 252 4.57 4.85 -20.19
C SER D 252 4.58 3.44 -20.73
N MET D 253 4.68 2.45 -19.83
CA MET D 253 4.62 1.05 -20.25
C MET D 253 3.20 0.68 -20.68
N ALA D 254 2.21 1.22 -19.98
CA ALA D 254 0.80 1.07 -20.36
C ALA D 254 0.56 1.69 -21.74
N TYR D 255 1.14 2.86 -21.96
CA TYR D 255 1.06 3.50 -23.28
C TYR D 255 1.67 2.62 -24.37
N ALA D 256 2.90 2.15 -24.15
CA ALA D 256 3.60 1.30 -25.12
C ALA D 256 2.88 -0.03 -25.34
N GLY D 257 2.37 -0.61 -24.26
CA GLY D 257 1.60 -1.85 -24.34
C GLY D 257 0.32 -1.68 -25.12
N ALA D 258 -0.38 -0.57 -24.88
CA ALA D 258 -1.58 -0.22 -25.63
C ALA D 258 -1.27 -0.06 -27.10
N ARG D 259 -0.22 0.72 -27.41
CA ARG D 259 0.18 0.97 -28.79
C ARG D 259 0.39 -0.33 -29.57
N PHE D 260 1.12 -1.27 -28.98
CA PHE D 260 1.41 -2.52 -29.67
C PHE D 260 0.16 -3.35 -29.90
N VAL D 261 -0.72 -3.42 -28.90
CA VAL D 261 -1.98 -4.16 -29.02
C VAL D 261 -2.90 -3.52 -30.06
N PHE D 262 -2.91 -2.19 -30.12
CA PHE D 262 -3.69 -1.49 -31.15
C PHE D 262 -3.13 -1.75 -32.55
N SER D 263 -1.80 -1.73 -32.70
CA SER D 263 -1.17 -2.09 -33.97
C SER D 263 -1.57 -3.50 -34.40
N LEU D 264 -1.47 -4.44 -33.46
CA LEU D 264 -1.78 -5.84 -33.72
C LEU D 264 -3.26 -6.06 -34.09
N VAL D 265 -4.17 -5.44 -33.33
CA VAL D 265 -5.60 -5.57 -33.61
C VAL D 265 -5.98 -4.93 -34.95
N ASP D 266 -5.43 -3.75 -35.24
CA ASP D 266 -5.61 -3.13 -36.56
C ASP D 266 -5.22 -4.07 -37.70
N ALA D 267 -4.05 -4.70 -37.57
CA ALA D 267 -3.58 -5.67 -38.54
C ALA D 267 -4.50 -6.89 -38.62
N MET D 268 -5.00 -7.33 -37.47
CA MET D 268 -5.95 -8.45 -37.42
C MET D 268 -7.28 -8.10 -38.08
N ASN D 269 -7.62 -6.81 -38.09
CA ASN D 269 -8.82 -6.33 -38.78
C ASN D 269 -8.62 -6.08 -40.28
N GLY D 270 -7.37 -6.15 -40.74
CA GLY D 270 -7.06 -6.08 -42.17
C GLY D 270 -6.27 -4.85 -42.60
N LYS D 271 -5.90 -3.99 -41.66
CA LYS D 271 -5.12 -2.80 -41.98
C LYS D 271 -3.76 -3.22 -42.52
N GLU D 272 -3.32 -2.54 -43.58
CA GLU D 272 -2.08 -2.90 -44.30
C GLU D 272 -0.93 -1.99 -43.91
N GLY D 273 0.30 -2.51 -44.07
CA GLY D 273 1.50 -1.74 -43.79
C GLY D 273 1.75 -1.49 -42.31
N VAL D 274 1.16 -2.32 -41.45
CA VAL D 274 1.36 -2.19 -40.01
C VAL D 274 2.70 -2.82 -39.64
N VAL D 275 3.63 -1.98 -39.20
CA VAL D 275 4.97 -2.42 -38.80
C VAL D 275 5.27 -2.05 -37.35
N GLU D 276 5.67 -3.05 -36.56
CA GLU D 276 6.14 -2.84 -35.19
C GLU D 276 7.33 -3.75 -34.90
N CYS D 277 8.33 -3.19 -34.22
CA CYS D 277 9.43 -3.99 -33.70
C CYS D 277 8.91 -4.83 -32.55
N SER D 278 9.32 -6.10 -32.50
CA SER D 278 8.96 -6.98 -31.38
C SER D 278 9.91 -8.16 -31.25
N PHE D 279 10.14 -8.58 -30.00
CA PHE D 279 11.02 -9.70 -29.68
C PHE D 279 10.30 -11.03 -29.93
N VAL D 280 10.70 -11.73 -30.99
CA VAL D 280 10.00 -12.93 -31.44
C VAL D 280 10.96 -14.05 -31.83
N LYS D 281 10.42 -15.27 -31.97
CA LYS D 281 11.15 -16.39 -32.56
C LYS D 281 11.65 -15.93 -33.93
N SER D 282 12.97 -15.92 -34.11
CA SER D 282 13.58 -15.25 -35.25
C SER D 282 14.49 -16.16 -36.07
N GLN D 283 14.75 -15.75 -37.30
CA GLN D 283 15.69 -16.42 -38.21
C GLN D 283 16.77 -15.44 -38.70
N GLU D 284 16.90 -14.29 -38.04
CA GLU D 284 17.71 -13.17 -38.54
C GLU D 284 19.17 -13.20 -38.09
N THR D 285 19.45 -13.84 -36.95
CA THR D 285 20.81 -13.95 -36.42
C THR D 285 21.04 -15.36 -35.89
N GLU D 286 22.19 -15.58 -35.23
CA GLU D 286 22.42 -16.86 -34.55
C GLU D 286 21.57 -17.03 -33.29
N CYS D 287 20.93 -15.95 -32.84
CA CYS D 287 19.93 -16.03 -31.77
C CYS D 287 18.63 -16.62 -32.31
N THR D 288 18.09 -17.60 -31.59
CA THR D 288 16.78 -18.16 -31.93
C THR D 288 15.63 -17.20 -31.61
N TYR D 289 15.90 -16.15 -30.83
CA TYR D 289 14.94 -15.07 -30.57
C TYR D 289 15.60 -13.70 -30.72
N PHE D 290 14.87 -12.77 -31.32
CA PHE D 290 15.43 -11.47 -31.68
C PHE D 290 14.31 -10.49 -31.98
N SER D 291 14.52 -9.21 -31.67
CA SER D 291 13.57 -8.16 -32.02
C SER D 291 13.98 -7.46 -33.31
N THR D 292 13.09 -7.46 -34.30
CA THR D 292 13.26 -6.72 -35.54
C THR D 292 11.91 -6.10 -35.91
N PRO D 293 11.91 -5.17 -36.89
CA PRO D 293 10.62 -4.70 -37.42
C PRO D 293 9.83 -5.85 -38.04
N LEU D 294 8.55 -5.94 -37.69
CA LEU D 294 7.68 -6.99 -38.19
C LEU D 294 6.47 -6.40 -38.89
N LEU D 295 6.18 -6.87 -40.10
CA LEU D 295 4.93 -6.59 -40.77
C LEU D 295 3.88 -7.51 -40.14
N LEU D 296 2.80 -6.92 -39.63
CA LEU D 296 1.76 -7.66 -38.91
C LEU D 296 0.51 -7.84 -39.77
N GLY D 297 -0.21 -8.94 -39.53
CA GLY D 297 -1.42 -9.24 -40.27
C GLY D 297 -2.41 -10.11 -39.49
N LYS D 298 -3.26 -10.82 -40.24
CA LYS D 298 -4.34 -11.61 -39.65
C LYS D 298 -3.85 -12.83 -38.88
N LYS D 299 -2.73 -13.42 -39.28
CA LYS D 299 -2.15 -14.56 -38.56
C LYS D 299 -0.96 -14.15 -37.69
N GLY D 300 -0.95 -12.89 -37.24
CA GLY D 300 0.13 -12.38 -36.39
C GLY D 300 1.25 -11.80 -37.23
N ILE D 301 2.43 -12.43 -37.17
CA ILE D 301 3.57 -11.98 -37.96
C ILE D 301 3.35 -12.35 -39.42
N GLU D 302 3.16 -11.33 -40.26
CA GLU D 302 3.02 -11.54 -41.70
C GLU D 302 4.39 -11.77 -42.33
N LYS D 303 5.36 -10.95 -41.93
CA LYS D 303 6.72 -11.08 -42.43
C LYS D 303 7.71 -10.40 -41.47
N ASN D 304 8.81 -11.09 -41.19
CA ASN D 304 9.92 -10.48 -40.47
C ASN D 304 10.75 -9.66 -41.45
N LEU D 305 10.79 -8.35 -41.25
CA LEU D 305 11.47 -7.44 -42.16
C LEU D 305 12.99 -7.40 -41.95
N GLY D 306 13.47 -8.04 -40.89
CA GLY D 306 14.91 -8.17 -40.66
C GLY D 306 15.57 -6.90 -40.20
N ILE D 307 16.90 -6.95 -40.11
CA ILE D 307 17.71 -5.85 -39.59
C ILE D 307 17.92 -4.74 -40.63
N GLY D 308 18.11 -5.12 -41.89
CA GLY D 308 18.36 -4.16 -42.96
C GLY D 308 19.78 -3.61 -42.92
N LYS D 309 19.98 -2.46 -43.56
CA LYS D 309 21.31 -1.84 -43.64
C LYS D 309 21.59 -1.05 -42.37
N VAL D 310 22.74 -1.33 -41.75
CA VAL D 310 23.15 -0.65 -40.50
C VAL D 310 24.56 -0.09 -40.60
N SER D 311 24.87 0.85 -39.71
CA SER D 311 26.21 1.43 -39.61
C SER D 311 27.17 0.47 -38.90
N SER D 312 28.46 0.81 -38.94
CA SER D 312 29.49 0.05 -38.24
C SER D 312 29.26 0.05 -36.73
N PHE D 313 28.86 1.21 -36.22
CA PHE D 313 28.53 1.39 -34.81
C PHE D 313 27.43 0.40 -34.40
N GLU D 314 26.37 0.36 -35.20
CA GLU D 314 25.21 -0.48 -34.92
C GLU D 314 25.53 -1.96 -35.08
N GLU D 315 26.27 -2.30 -36.15
CA GLU D 315 26.73 -3.68 -36.36
C GLU D 315 27.57 -4.18 -35.18
N LYS D 316 28.42 -3.31 -34.64
CA LYS D 316 29.23 -3.65 -33.48
C LYS D 316 28.38 -3.91 -32.24
N MET D 317 27.30 -3.13 -32.06
CA MET D 317 26.38 -3.33 -30.95
C MET D 317 25.63 -4.67 -31.07
N ILE D 318 25.25 -5.03 -32.30
CA ILE D 318 24.60 -6.31 -32.55
C ILE D 318 25.52 -7.46 -32.13
N SER D 319 26.76 -7.43 -32.61
CA SER D 319 27.76 -8.44 -32.28
C SER D 319 27.93 -8.59 -30.77
N ASP D 320 28.05 -7.47 -30.07
CA ASP D 320 28.24 -7.47 -28.62
C ASP D 320 26.99 -7.91 -27.84
N ALA D 321 25.82 -7.76 -28.45
CA ALA D 321 24.57 -8.15 -27.80
C ALA D 321 24.32 -9.66 -27.80
N ILE D 322 24.92 -10.37 -28.75
CA ILE D 322 24.55 -11.77 -29.04
C ILE D 322 24.78 -12.72 -27.85
N PRO D 323 25.96 -12.67 -27.21
CA PRO D 323 26.19 -13.57 -26.07
C PRO D 323 25.16 -13.43 -24.94
N GLU D 324 24.82 -12.20 -24.56
CA GLU D 324 23.84 -11.97 -23.50
C GLU D 324 22.45 -12.49 -23.91
N LEU D 325 22.03 -12.21 -25.14
CA LEU D 325 20.74 -12.69 -25.64
C LEU D 325 20.63 -14.20 -25.60
N LYS D 326 21.63 -14.87 -26.17
CA LYS D 326 21.65 -16.33 -26.19
C LYS D 326 21.64 -16.91 -24.77
N ALA D 327 22.38 -16.27 -23.86
CA ALA D 327 22.39 -16.70 -22.47
C ALA D 327 21.01 -16.54 -21.81
N SER D 328 20.35 -15.43 -22.10
CA SER D 328 18.99 -15.17 -21.57
C SER D 328 17.97 -16.13 -22.17
N ILE D 329 18.12 -16.44 -23.45
CA ILE D 329 17.25 -17.42 -24.11
C ILE D 329 17.42 -18.80 -23.49
N LYS D 330 18.67 -19.24 -23.35
CA LYS D 330 18.96 -20.55 -22.76
C LYS D 330 18.41 -20.66 -21.33
N LYS D 331 18.53 -19.58 -20.56
CA LYS D 331 18.00 -19.54 -19.20
C LYS D 331 16.47 -19.71 -19.18
N GLY D 332 15.78 -19.03 -20.09
CA GLY D 332 14.33 -19.18 -20.22
C GLY D 332 13.94 -20.60 -20.61
N GLU D 333 14.61 -21.14 -21.63
CA GLU D 333 14.36 -22.51 -22.10
C GLU D 333 14.59 -23.55 -21.01
N ASP D 334 15.71 -23.46 -20.32
CA ASP D 334 16.06 -24.43 -19.27
C ASP D 334 15.13 -24.38 -18.06
N PHE D 335 14.57 -23.20 -17.78
CA PHE D 335 13.62 -23.04 -16.68
C PHE D 335 12.35 -23.84 -16.95
N VAL D 336 11.86 -23.80 -18.18
CA VAL D 336 10.67 -24.54 -18.57
C VAL D 336 10.96 -26.03 -18.65
N LYS D 337 12.08 -26.39 -19.30
CA LYS D 337 12.42 -27.79 -19.52
C LYS D 337 12.70 -28.56 -18.21
N THR D 338 12.90 -27.83 -17.12
CA THR D 338 13.05 -28.41 -15.79
C THR D 338 11.82 -28.17 -14.91
N LEU D 339 10.62 -28.22 -15.50
CA LEU D 339 9.37 -28.16 -14.74
C LEU D 339 8.71 -29.53 -14.70
P PO4 E . 13.03 -11.99 3.09
O1 PO4 E . 12.40 -13.32 2.78
O2 PO4 E . 12.10 -10.85 2.76
O3 PO4 E . 14.30 -11.84 2.29
O4 PO4 E . 13.36 -11.93 4.56
P PO4 F . 14.60 -8.01 5.13
O1 PO4 F . 13.14 -8.21 4.79
O2 PO4 F . 15.45 -8.25 3.91
O3 PO4 F . 15.00 -8.98 6.21
O4 PO4 F . 14.79 -6.59 5.60
P PO4 G . 12.74 -14.96 6.14
O1 PO4 G . 11.94 -15.07 4.85
O2 PO4 G . 13.99 -14.15 5.88
O3 PO4 G . 13.08 -16.37 6.58
O4 PO4 G . 11.92 -14.28 7.21
P PO4 H . -6.67 7.82 19.31
O1 PO4 H . -6.59 8.74 18.10
O2 PO4 H . -7.95 7.02 19.25
O3 PO4 H . -5.50 6.88 19.35
O4 PO4 H . -6.64 8.70 20.53
P PO4 I . -9.82 2.80 15.03
O1 PO4 I . -10.15 1.36 14.70
O2 PO4 I . -11.04 3.64 14.81
O3 PO4 I . -8.69 3.27 14.15
O4 PO4 I . -9.39 2.89 16.48
P PO4 J . -8.48 7.41 15.44
O1 PO4 J . -7.92 6.94 14.11
O2 PO4 J . -9.98 7.55 15.34
O3 PO4 J . -7.84 8.73 15.80
O4 PO4 J . -8.19 6.38 16.50
P PO4 K . -17.27 9.19 -6.97
O1 PO4 K . -18.60 9.33 -7.64
O2 PO4 K . -16.27 8.66 -7.98
O3 PO4 K . -17.43 8.23 -5.81
O4 PO4 K . -16.80 10.52 -6.47
P PO4 L . -14.85 9.82 -3.44
O1 PO4 L . -14.62 10.64 -4.69
O2 PO4 L . -16.00 8.88 -3.62
O3 PO4 L . -13.58 9.05 -3.14
O4 PO4 L . -15.15 10.76 -2.30
P PO4 M . -11.24 12.48 -4.53
O1 PO4 M . -12.31 12.28 -5.58
O2 PO4 M . -10.01 13.03 -5.21
O3 PO4 M . -10.90 11.15 -3.89
O4 PO4 M . -11.73 13.45 -3.49
P PO4 N . 7.07 -6.19 -15.53
O1 PO4 N . 7.15 -5.57 -16.90
O2 PO4 N . 5.78 -6.93 -15.36
O3 PO4 N . 8.20 -7.17 -15.36
O4 PO4 N . 7.15 -5.08 -14.51
P PO4 O . 11.19 -3.65 -14.93
O1 PO4 O . 10.34 -3.51 -16.17
O2 PO4 O . 12.29 -2.63 -14.97
O3 PO4 O . 11.78 -5.04 -14.90
O4 PO4 O . 10.34 -3.47 -13.70
P PO4 P . 11.62 -1.15 -18.34
O1 PO4 P . 11.14 -2.55 -18.56
O2 PO4 P . 10.43 -0.22 -18.31
O3 PO4 P . 12.58 -0.73 -19.41
O4 PO4 P . 12.38 -1.03 -17.03
#